data_7WSX
#
_entry.id   7WSX
#
_cell.length_a   64.930
_cell.length_b   70.560
_cell.length_c   106.340
_cell.angle_alpha   90.000
_cell.angle_beta   106.850
_cell.angle_gamma   90.000
#
_symmetry.space_group_name_H-M   'P 1 21 1'
#
loop_
_entity.id
_entity.type
_entity.pdbx_description
1 polymer 'Hydroxylamine reductase'
2 non-polymer 'FE-S-O HYBRID CLUSTER'
3 water water
#
_entity_poly.entity_id   1
_entity_poly.type   'polypeptide(L)'
_entity_poly.pdbx_seq_one_letter_code
;MKYRCKVCDYIYDPEVGDPTSGIKPGTPFQELPEDWLCPVCNVGKDQFEPLRGEVRRVRPEDIDMFYYQCSQTVRGRACT
VKGVCGKEATVARLQDNLLFAIKGISAYLYHARELGYTDEVVDAFLERGFYSTLTNVNFDAEEFVSLALEAGEMNLRTMK
LLKKAHMDTYGEPEPAEVRVGALDGPAIIATGHSLKALEELLKQTEGSGVNVYTHSELLPAHGYPGLRKYPHLAGQLGGP
WFDQRETFSRYSAAVLGTSNCVLLPRDSYRDRMFTCGVARLPGVEHVDGYDFSPVIEKALELPPLKEEDSATLTTGFGLS
TILSLADKIKELVEEGKIRRFFLVGG(CSS)DSPLPQAKYYTEFVRKLPEDTVVLTLACGKYRFNSMDLGDIDGIPRLID
LGQCNDSIVAVELVEALSNLFSMDVNELPLSIVLSWMEQKAAAILWSLLSLNLRGMYIGPILPGWANDDIINVLVDKYEL
TPIGDPEEDIKKMMEVDKLAAALEHHHHHH
;
_entity_poly.pdbx_strand_id   A,B
#
loop_
_chem_comp.id
_chem_comp.type
_chem_comp.name
_chem_comp.formula
FS2 non-polymer 'FE-S-O HYBRID CLUSTER' 'Fe4 O3 S2'
#
# COMPACT_ATOMS: atom_id res chain seq x y z
N GLU A 88 -20.69 3.13 -2.74
CA GLU A 88 -21.31 2.19 -3.68
C GLU A 88 -20.36 1.03 -3.96
N ALA A 89 -20.79 0.12 -4.84
CA ALA A 89 -19.94 -1.00 -5.21
C ALA A 89 -18.77 -0.56 -6.06
N THR A 90 -18.99 0.40 -6.95
CA THR A 90 -17.94 0.83 -7.87
C THR A 90 -16.80 1.52 -7.13
N VAL A 91 -17.09 2.23 -6.03
CA VAL A 91 -16.00 2.86 -5.30
C VAL A 91 -15.07 1.81 -4.69
N ALA A 92 -15.66 0.72 -4.19
CA ALA A 92 -14.86 -0.38 -3.65
C ALA A 92 -14.04 -1.05 -4.73
N ARG A 93 -14.68 -1.37 -5.87
CA ARG A 93 -13.95 -2.01 -6.96
C ARG A 93 -12.81 -1.12 -7.45
N LEU A 94 -13.04 0.19 -7.51
CA LEU A 94 -12.04 1.10 -8.03
C LEU A 94 -10.86 1.25 -7.07
N GLN A 95 -11.14 1.35 -5.77
CA GLN A 95 -10.05 1.41 -4.80
C GLN A 95 -9.27 0.11 -4.75
N ASP A 96 -9.94 -1.03 -4.89
CA ASP A 96 -9.21 -2.30 -4.92
C ASP A 96 -8.30 -2.38 -6.15
N ASN A 97 -8.78 -1.90 -7.30
CA ASN A 97 -7.93 -1.91 -8.49
C ASN A 97 -6.73 -0.98 -8.32
N LEU A 98 -6.95 0.20 -7.74
CA LEU A 98 -5.84 1.08 -7.42
C LEU A 98 -4.85 0.40 -6.49
N LEU A 99 -5.35 -0.36 -5.52
CA LEU A 99 -4.47 -1.07 -4.60
C LEU A 99 -3.64 -2.13 -5.32
N PHE A 100 -4.24 -2.79 -6.32
CA PHE A 100 -3.49 -3.75 -7.12
C PHE A 100 -2.37 -3.07 -7.89
N ALA A 101 -2.67 -1.92 -8.49
CA ALA A 101 -1.64 -1.15 -9.18
C ALA A 101 -0.52 -0.75 -8.22
N ILE A 102 -0.88 -0.33 -7.01
CA ILE A 102 0.13 0.04 -6.01
C ILE A 102 0.99 -1.17 -5.65
N LYS A 103 0.36 -2.36 -5.59
CA LYS A 103 1.13 -3.58 -5.31
C LYS A 103 2.17 -3.84 -6.38
N GLY A 104 1.78 -3.77 -7.66
CA GLY A 104 2.74 -3.98 -8.72
C GLY A 104 3.87 -2.96 -8.70
N ILE A 105 3.50 -1.69 -8.51
CA ILE A 105 4.52 -0.64 -8.43
C ILE A 105 5.48 -0.92 -7.27
N SER A 106 4.95 -1.42 -6.15
CA SER A 106 5.79 -1.72 -5.00
C SER A 106 6.73 -2.87 -5.28
N ALA A 107 6.26 -3.87 -6.03
CA ALA A 107 7.15 -4.95 -6.44
C ALA A 107 8.35 -4.40 -7.21
N TYR A 108 8.07 -3.61 -8.26
CA TYR A 108 9.16 -3.06 -9.06
C TYR A 108 10.06 -2.16 -8.21
N LEU A 109 9.47 -1.36 -7.33
CA LEU A 109 10.24 -0.48 -6.46
C LEU A 109 11.14 -1.26 -5.52
N TYR A 110 10.62 -2.36 -4.96
CA TYR A 110 11.41 -3.20 -4.07
C TYR A 110 12.63 -3.75 -4.79
N HIS A 111 12.42 -4.30 -5.99
CA HIS A 111 13.56 -4.83 -6.73
C HIS A 111 14.54 -3.73 -7.11
N ALA A 112 14.04 -2.54 -7.42
CA ALA A 112 14.93 -1.42 -7.72
C ALA A 112 15.76 -1.04 -6.50
N ARG A 113 15.14 -1.00 -5.32
CA ARG A 113 15.89 -0.68 -4.10
C ARG A 113 16.93 -1.75 -3.80
N GLU A 114 16.58 -3.02 -4.01
CA GLU A 114 17.53 -4.11 -3.78
C GLU A 114 18.81 -3.91 -4.60
N LEU A 115 18.71 -3.30 -5.76
CA LEU A 115 19.87 -2.99 -6.58
C LEU A 115 20.43 -1.60 -6.28
N GLY A 116 19.82 -0.86 -5.36
CA GLY A 116 20.34 0.43 -4.95
C GLY A 116 19.81 1.62 -5.71
N TYR A 117 18.57 1.55 -6.19
CA TYR A 117 17.95 2.64 -6.93
C TYR A 117 16.59 2.95 -6.30
N THR A 118 16.36 4.22 -5.97
CA THR A 118 15.17 4.61 -5.22
C THR A 118 14.65 5.95 -5.72
N ASP A 119 13.33 6.02 -5.97
CA ASP A 119 12.67 7.23 -6.43
C ASP A 119 11.68 7.69 -5.37
N GLU A 120 11.92 8.89 -4.82
CA GLU A 120 11.10 9.39 -3.72
C GLU A 120 9.68 9.72 -4.16
N VAL A 121 9.51 10.13 -5.42
CA VAL A 121 8.18 10.56 -5.85
C VAL A 121 7.25 9.36 -6.00
N VAL A 122 7.78 8.21 -6.39
CA VAL A 122 6.95 7.02 -6.47
C VAL A 122 6.56 6.55 -5.07
N ASP A 123 7.47 6.70 -4.10
CA ASP A 123 7.14 6.35 -2.72
C ASP A 123 6.07 7.28 -2.16
N ALA A 124 6.19 8.58 -2.45
CA ALA A 124 5.18 9.54 -2.01
C ALA A 124 3.83 9.22 -2.65
N PHE A 125 3.84 8.81 -3.92
CA PHE A 125 2.59 8.38 -4.53
C PHE A 125 2.03 7.13 -3.87
N LEU A 126 2.88 6.17 -3.50
CA LEU A 126 2.38 5.00 -2.77
C LEU A 126 1.66 5.44 -1.50
N GLU A 127 2.33 6.28 -0.70
CA GLU A 127 1.69 6.84 0.49
C GLU A 127 0.33 7.44 0.17
N ARG A 128 0.31 8.39 -0.77
CA ARG A 128 -0.91 9.13 -1.09
C ARG A 128 -2.01 8.20 -1.59
N GLY A 129 -1.70 7.35 -2.57
CA GLY A 129 -2.71 6.49 -3.15
C GLY A 129 -3.29 5.48 -2.18
N PHE A 130 -2.42 4.75 -1.47
CA PHE A 130 -2.93 3.83 -0.48
C PHE A 130 -3.77 4.55 0.56
N TYR A 131 -3.30 5.72 1.02
CA TYR A 131 -4.04 6.49 2.01
C TYR A 131 -5.41 6.88 1.49
N SER A 132 -5.53 7.11 0.18
CA SER A 132 -6.82 7.47 -0.41
C SER A 132 -7.87 6.37 -0.31
N THR A 133 -7.50 5.17 0.15
CA THR A 133 -8.44 4.06 0.22
C THR A 133 -8.82 3.68 1.64
N LEU A 134 -8.45 4.49 2.64
CA LEU A 134 -8.95 4.27 3.99
C LEU A 134 -10.45 4.55 4.05
N THR A 135 -11.08 4.02 5.10
CA THR A 135 -12.52 4.21 5.25
C THR A 135 -12.82 5.67 5.60
N ASN A 136 -13.78 6.25 4.89
CA ASN A 136 -14.25 7.63 5.08
C ASN A 136 -13.18 8.67 4.73
N VAL A 137 -12.50 8.50 3.60
CA VAL A 137 -11.62 9.56 3.11
C VAL A 137 -12.17 10.07 1.79
N ASN A 138 -12.15 9.22 0.76
CA ASN A 138 -12.49 9.60 -0.61
C ASN A 138 -13.63 8.69 -1.06
N PHE A 139 -14.75 9.31 -1.46
CA PHE A 139 -15.94 8.61 -1.91
C PHE A 139 -16.23 8.83 -3.39
N ASP A 140 -15.24 9.29 -4.16
CA ASP A 140 -15.45 9.78 -5.50
C ASP A 140 -14.83 8.82 -6.51
N ALA A 141 -15.66 8.23 -7.36
CA ALA A 141 -15.19 7.23 -8.31
C ALA A 141 -14.30 7.86 -9.38
N GLU A 142 -14.70 9.02 -9.92
CA GLU A 142 -13.90 9.66 -10.96
C GLU A 142 -12.53 10.07 -10.44
N GLU A 143 -12.44 10.47 -9.17
CA GLU A 143 -11.15 10.76 -8.58
C GLU A 143 -10.33 9.49 -8.40
N PHE A 144 -10.98 8.35 -8.17
CA PHE A 144 -10.25 7.08 -8.11
C PHE A 144 -9.73 6.68 -9.49
N VAL A 145 -10.47 6.99 -10.55
CA VAL A 145 -9.95 6.74 -11.90
C VAL A 145 -8.76 7.65 -12.17
N SER A 146 -8.85 8.92 -11.76
CA SER A 146 -7.70 9.82 -11.88
C SER A 146 -6.49 9.26 -11.13
N LEU A 147 -6.72 8.70 -9.93
CA LEU A 147 -5.63 8.12 -9.16
C LEU A 147 -5.05 6.89 -9.84
N ALA A 148 -5.91 6.05 -10.45
CA ALA A 148 -5.41 4.89 -11.17
C ALA A 148 -4.55 5.29 -12.37
N LEU A 149 -4.93 6.38 -13.04
CA LEU A 149 -4.11 6.84 -14.16
C LEU A 149 -2.78 7.41 -13.66
N GLU A 150 -2.80 8.16 -12.56
CA GLU A 150 -1.56 8.59 -11.93
C GLU A 150 -0.72 7.38 -11.51
N ALA A 151 -1.37 6.28 -11.12
CA ALA A 151 -0.65 5.06 -10.78
C ALA A 151 0.02 4.46 -12.00
N GLY A 152 -0.67 4.46 -13.15
CA GLY A 152 -0.03 4.03 -14.38
C GLY A 152 1.19 4.86 -14.72
N GLU A 153 1.09 6.17 -14.51
CA GLU A 153 2.24 7.05 -14.73
C GLU A 153 3.40 6.69 -13.80
N MET A 154 3.12 6.55 -12.51
CA MET A 154 4.15 6.18 -11.56
C MET A 154 4.74 4.81 -11.87
N ASN A 155 3.92 3.90 -12.41
CA ASN A 155 4.41 2.58 -12.80
C ASN A 155 5.37 2.69 -13.96
N LEU A 156 5.06 3.54 -14.94
CA LEU A 156 6.01 3.82 -16.00
C LEU A 156 7.33 4.34 -15.43
N ARG A 157 7.24 5.27 -14.47
CA ARG A 157 8.45 5.82 -13.84
C ARG A 157 9.29 4.70 -13.20
N THR A 158 8.65 3.86 -12.39
CA THR A 158 9.43 2.86 -11.65
C THR A 158 9.92 1.74 -12.55
N MET A 159 9.16 1.39 -13.61
CA MET A 159 9.67 0.43 -14.59
C MET A 159 10.90 0.96 -15.30
N LYS A 160 10.89 2.26 -15.66
CA LYS A 160 12.07 2.84 -16.28
C LYS A 160 13.24 2.84 -15.31
N LEU A 161 12.95 3.10 -14.03
CA LEU A 161 14.02 3.08 -13.03
C LEU A 161 14.60 1.69 -12.85
N LEU A 162 13.75 0.67 -12.87
CA LEU A 162 14.23 -0.70 -12.70
C LEU A 162 15.01 -1.17 -13.91
N LYS A 163 14.55 -0.79 -15.11
CA LYS A 163 15.35 -1.02 -16.31
C LYS A 163 16.72 -0.34 -16.22
N LYS A 164 16.76 0.89 -15.73
CA LYS A 164 18.06 1.55 -15.54
C LYS A 164 18.94 0.76 -14.59
N ALA A 165 18.37 0.29 -13.48
CA ALA A 165 19.14 -0.50 -12.51
C ALA A 165 19.70 -1.77 -13.16
N HIS A 166 18.83 -2.53 -13.84
CA HIS A 166 19.24 -3.77 -14.49
C HIS A 166 20.36 -3.52 -15.50
N MET A 167 20.22 -2.48 -16.32
CA MET A 167 21.24 -2.22 -17.34
C MET A 167 22.54 -1.72 -16.72
N ASP A 168 22.44 -0.90 -15.67
CA ASP A 168 23.63 -0.34 -15.04
C ASP A 168 24.39 -1.36 -14.22
N THR A 169 23.75 -2.45 -13.82
CA THR A 169 24.46 -3.48 -13.07
C THR A 169 24.87 -4.68 -13.92
N TYR A 170 24.04 -5.10 -14.86
CA TYR A 170 24.28 -6.32 -15.62
C TYR A 170 24.44 -6.06 -17.11
N GLY A 171 24.48 -4.81 -17.54
CA GLY A 171 24.54 -4.47 -18.94
C GLY A 171 23.16 -4.48 -19.59
N GLU A 172 23.14 -4.05 -20.86
CA GLU A 172 21.88 -4.03 -21.58
C GLU A 172 21.67 -5.36 -22.30
N PRO A 173 20.49 -5.98 -22.18
CA PRO A 173 20.31 -7.32 -22.74
C PRO A 173 20.47 -7.34 -24.25
N GLU A 174 21.26 -8.31 -24.74
CA GLU A 174 21.46 -8.66 -26.13
C GLU A 174 20.87 -10.05 -26.41
N PRO A 175 20.48 -10.32 -27.65
CA PRO A 175 19.82 -11.61 -27.96
C PRO A 175 20.66 -12.80 -27.53
N ALA A 176 19.96 -13.86 -27.13
CA ALA A 176 20.58 -15.02 -26.48
C ALA A 176 19.74 -16.24 -26.74
N GLU A 177 20.34 -17.32 -27.26
CA GLU A 177 19.64 -18.59 -27.37
C GLU A 177 19.94 -19.41 -26.13
N VAL A 178 18.93 -20.10 -25.65
CA VAL A 178 18.92 -20.65 -24.30
C VAL A 178 18.48 -22.11 -24.40
N ARG A 179 19.20 -22.98 -23.69
CA ARG A 179 18.93 -24.41 -23.72
C ARG A 179 17.83 -24.75 -22.73
N VAL A 180 16.85 -25.52 -23.20
CA VAL A 180 15.72 -25.97 -22.39
C VAL A 180 15.85 -27.48 -22.25
N GLY A 181 16.46 -27.92 -21.15
CA GLY A 181 16.72 -29.32 -20.91
C GLY A 181 17.83 -29.50 -19.89
N ALA A 182 17.84 -30.68 -19.28
CA ALA A 182 18.77 -30.95 -18.20
C ALA A 182 20.17 -31.28 -18.72
N LEU A 183 21.17 -30.69 -18.08
CA LEU A 183 22.58 -31.08 -18.23
C LEU A 183 23.00 -31.99 -17.08
N ASP A 184 23.98 -32.86 -17.35
CA ASP A 184 24.48 -33.75 -16.31
C ASP A 184 25.09 -32.96 -15.16
N GLY A 185 24.76 -33.36 -13.94
CA GLY A 185 25.37 -32.75 -12.76
C GLY A 185 24.36 -32.22 -11.76
N PRO A 186 24.86 -31.78 -10.60
CA PRO A 186 23.99 -31.12 -9.63
C PRO A 186 23.42 -29.84 -10.22
N ALA A 187 22.24 -29.46 -9.74
CA ALA A 187 21.52 -28.36 -10.38
C ALA A 187 20.73 -27.56 -9.37
N ILE A 188 20.59 -26.27 -9.67
CA ILE A 188 19.72 -25.36 -8.93
C ILE A 188 18.80 -24.69 -9.95
N ILE A 189 17.50 -24.77 -9.70
CA ILE A 189 16.50 -24.11 -10.53
C ILE A 189 16.03 -22.87 -9.79
N ALA A 190 16.30 -21.70 -10.37
CA ALA A 190 15.91 -20.42 -9.79
C ALA A 190 14.72 -19.90 -10.58
N THR A 191 13.68 -19.49 -9.86
CA THR A 191 12.46 -19.01 -10.48
C THR A 191 12.06 -17.68 -9.84
N GLY A 192 11.33 -16.88 -10.59
CA GLY A 192 10.93 -15.57 -10.12
C GLY A 192 11.38 -14.45 -11.04
N HIS A 193 11.54 -13.26 -10.47
CA HIS A 193 11.84 -12.06 -11.21
C HIS A 193 13.21 -11.48 -10.90
N SER A 194 13.67 -11.60 -9.66
CA SER A 194 14.82 -10.83 -9.20
C SER A 194 16.11 -11.33 -9.82
N LEU A 195 16.92 -10.39 -10.34
CA LEU A 195 18.19 -10.73 -10.94
C LEU A 195 19.35 -10.54 -9.97
N LYS A 196 19.11 -9.87 -8.85
CA LYS A 196 20.15 -9.71 -7.84
C LYS A 196 20.41 -11.04 -7.14
N ALA A 197 19.33 -11.77 -6.82
CA ALA A 197 19.46 -13.11 -6.25
C ALA A 197 20.16 -14.06 -7.21
N LEU A 198 19.81 -14.00 -8.50
CA LEU A 198 20.47 -14.85 -9.48
C LEU A 198 21.94 -14.48 -9.62
N GLU A 199 22.25 -13.18 -9.60
CA GLU A 199 23.64 -12.74 -9.62
C GLU A 199 24.41 -13.32 -8.44
N GLU A 200 23.85 -13.21 -7.23
CA GLU A 200 24.56 -13.65 -6.05
C GLU A 200 24.73 -15.17 -6.05
N LEU A 201 23.70 -15.90 -6.49
CA LEU A 201 23.80 -17.35 -6.59
C LEU A 201 24.88 -17.76 -7.59
N LEU A 202 24.89 -17.11 -8.76
CA LEU A 202 25.88 -17.42 -9.77
C LEU A 202 27.29 -17.10 -9.26
N LYS A 203 27.44 -16.01 -8.51
CA LYS A 203 28.73 -15.70 -7.91
C LYS A 203 29.13 -16.76 -6.89
N GLN A 204 28.16 -17.29 -6.15
CA GLN A 204 28.44 -18.25 -5.08
C GLN A 204 28.51 -19.68 -5.59
N THR A 205 28.31 -19.91 -6.88
CA THR A 205 28.33 -21.26 -7.44
C THR A 205 29.49 -21.47 -8.40
N GLU A 206 30.43 -20.53 -8.48
CA GLU A 206 31.59 -20.67 -9.35
C GLU A 206 32.48 -21.81 -8.85
N GLY A 207 32.89 -22.68 -9.77
CA GLY A 207 33.78 -23.77 -9.46
C GLY A 207 33.15 -24.93 -8.72
N SER A 208 31.98 -24.74 -8.11
CA SER A 208 31.37 -25.81 -7.33
C SER A 208 30.83 -26.93 -8.19
N GLY A 209 30.58 -26.68 -9.47
CA GLY A 209 30.11 -27.71 -10.37
C GLY A 209 28.62 -27.92 -10.41
N VAL A 210 27.84 -26.96 -9.92
CA VAL A 210 26.38 -27.04 -9.97
C VAL A 210 25.89 -26.15 -11.10
N ASN A 211 24.86 -26.62 -11.82
CA ASN A 211 24.28 -25.85 -12.89
C ASN A 211 23.09 -25.05 -12.37
N VAL A 212 23.09 -23.76 -12.68
CA VAL A 212 22.00 -22.86 -12.32
C VAL A 212 21.09 -22.75 -13.52
N TYR A 213 19.83 -23.15 -13.36
CA TYR A 213 18.83 -23.06 -14.41
C TYR A 213 17.82 -21.97 -14.08
N THR A 214 17.36 -21.28 -15.12
CA THR A 214 16.34 -20.27 -14.98
C THR A 214 14.97 -20.86 -15.28
N HIS A 215 13.94 -20.22 -14.73
CA HIS A 215 12.57 -20.67 -14.87
C HIS A 215 11.65 -19.46 -14.92
N SER A 216 10.60 -19.55 -15.74
CA SER A 216 9.68 -18.46 -15.98
C SER A 216 10.42 -17.14 -16.21
N GLU A 217 10.20 -16.19 -15.32
CA GLU A 217 10.62 -14.81 -15.56
C GLU A 217 12.08 -14.59 -15.25
N LEU A 218 12.82 -15.65 -14.94
CA LEU A 218 14.27 -15.58 -14.91
C LEU A 218 14.89 -15.96 -16.25
N LEU A 219 14.08 -16.36 -17.22
CA LEU A 219 14.57 -16.57 -18.58
C LEU A 219 15.24 -15.35 -19.21
N PRO A 220 14.71 -14.12 -19.08
CA PRO A 220 15.39 -12.98 -19.70
C PRO A 220 16.81 -12.75 -19.22
N ALA A 221 17.17 -13.24 -18.02
CA ALA A 221 18.52 -13.05 -17.49
C ALA A 221 19.60 -13.48 -18.48
N HIS A 222 19.31 -14.46 -19.33
CA HIS A 222 20.30 -14.97 -20.27
C HIS A 222 20.77 -13.92 -21.27
N GLY A 223 20.04 -12.81 -21.42
CA GLY A 223 20.41 -11.82 -22.41
C GLY A 223 21.32 -10.75 -21.86
N TYR A 224 21.40 -10.64 -20.54
CA TYR A 224 22.21 -9.62 -19.89
C TYR A 224 23.67 -10.00 -19.90
N PRO A 225 24.56 -9.13 -20.38
CA PRO A 225 25.99 -9.48 -20.43
C PRO A 225 26.57 -9.88 -19.09
N GLY A 226 26.26 -9.14 -18.03
CA GLY A 226 26.80 -9.41 -16.71
C GLY A 226 26.20 -10.61 -16.01
N LEU A 227 25.48 -11.43 -16.76
CA LEU A 227 24.84 -12.63 -16.24
C LEU A 227 25.08 -13.84 -17.13
N ARG A 228 25.11 -13.65 -18.45
CA ARG A 228 25.53 -14.71 -19.34
C ARG A 228 27.01 -15.02 -19.20
N LYS A 229 27.79 -14.12 -18.58
CA LYS A 229 29.23 -14.34 -18.42
C LYS A 229 29.53 -15.54 -17.52
N TYR A 230 28.64 -15.85 -16.59
CA TYR A 230 28.86 -17.03 -15.75
C TYR A 230 28.55 -18.28 -16.55
N PRO A 231 29.54 -19.13 -16.86
CA PRO A 231 29.28 -20.27 -17.77
C PRO A 231 28.40 -21.33 -17.15
N HIS A 232 28.27 -21.40 -15.83
CA HIS A 232 27.41 -22.40 -15.21
C HIS A 232 25.97 -21.94 -15.11
N LEU A 233 25.64 -20.77 -15.66
CA LEU A 233 24.24 -20.45 -15.92
C LEU A 233 23.82 -21.31 -17.11
N ALA A 234 23.39 -22.53 -16.81
CA ALA A 234 23.29 -23.56 -17.84
C ALA A 234 22.26 -23.21 -18.90
N GLY A 235 21.03 -22.93 -18.47
CA GLY A 235 19.98 -22.61 -19.43
C GLY A 235 18.63 -22.51 -18.76
N GLN A 236 17.60 -22.80 -19.54
CA GLN A 236 16.23 -22.76 -19.05
C GLN A 236 15.76 -24.17 -18.72
N LEU A 237 14.80 -24.26 -17.81
CA LEU A 237 14.30 -25.54 -17.36
C LEU A 237 12.88 -25.32 -16.85
N GLY A 238 11.90 -25.92 -17.53
CA GLY A 238 10.52 -25.55 -17.34
C GLY A 238 10.12 -24.39 -18.23
N GLY A 239 8.91 -23.88 -17.99
CA GLY A 239 8.37 -22.80 -18.79
C GLY A 239 7.73 -21.72 -17.96
N PRO A 240 6.41 -21.63 -17.99
CA PRO A 240 5.71 -20.61 -17.18
C PRO A 240 5.84 -20.92 -15.70
N TRP A 241 5.41 -19.95 -14.89
CA TRP A 241 5.45 -20.14 -13.44
C TRP A 241 4.54 -21.27 -13.00
N PHE A 242 3.32 -21.31 -13.53
CA PHE A 242 2.33 -22.27 -13.04
C PHE A 242 2.62 -23.71 -13.44
N ASP A 243 3.69 -23.99 -14.17
CA ASP A 243 4.11 -25.36 -14.41
C ASP A 243 5.04 -25.87 -13.33
N GLN A 244 5.37 -25.04 -12.33
CA GLN A 244 6.55 -25.31 -11.50
C GLN A 244 6.41 -26.64 -10.76
N ARG A 245 5.26 -26.88 -10.13
CA ARG A 245 5.05 -28.14 -9.42
C ARG A 245 5.33 -29.35 -10.30
N GLU A 246 5.07 -29.25 -11.60
CA GLU A 246 5.50 -30.31 -12.52
C GLU A 246 7.02 -30.32 -12.65
N THR A 247 7.58 -29.18 -13.07
CA THR A 247 9.02 -29.09 -13.32
C THR A 247 9.81 -29.49 -12.07
N PHE A 248 9.56 -28.78 -10.96
CA PHE A 248 10.26 -29.06 -9.71
C PHE A 248 10.13 -30.53 -9.31
N SER A 249 9.05 -31.20 -9.72
CA SER A 249 8.86 -32.59 -9.34
C SER A 249 9.84 -33.50 -10.06
N ARG A 250 10.10 -33.25 -11.34
CA ARG A 250 10.80 -34.22 -12.19
C ARG A 250 12.29 -33.92 -12.33
N TYR A 251 12.83 -33.02 -11.53
CA TYR A 251 14.26 -32.72 -11.57
C TYR A 251 14.82 -32.77 -10.15
N SER A 252 15.78 -33.66 -9.93
CA SER A 252 16.42 -33.80 -8.62
C SER A 252 17.43 -32.67 -8.43
N ALA A 253 16.89 -31.46 -8.35
CA ALA A 253 17.67 -30.25 -8.23
C ALA A 253 17.15 -29.41 -7.06
N ALA A 254 18.03 -28.57 -6.52
CA ALA A 254 17.59 -27.59 -5.54
C ALA A 254 16.67 -26.58 -6.20
N VAL A 255 15.78 -25.99 -5.41
CA VAL A 255 14.74 -25.10 -5.93
C VAL A 255 14.79 -23.81 -5.15
N LEU A 256 14.83 -22.67 -5.87
CA LEU A 256 14.92 -21.36 -5.26
C LEU A 256 13.86 -20.45 -5.85
N GLY A 257 12.86 -20.08 -5.05
CA GLY A 257 11.89 -19.09 -5.46
C GLY A 257 12.29 -17.71 -5.00
N THR A 258 12.78 -16.90 -5.94
CA THR A 258 13.31 -15.59 -5.57
C THR A 258 12.22 -14.54 -5.38
N SER A 259 11.09 -14.69 -6.07
CA SER A 259 10.12 -13.60 -6.09
C SER A 259 8.73 -14.08 -6.48
N ASN A 260 8.07 -13.27 -7.33
CA ASN A 260 6.66 -13.43 -7.65
C ASN A 260 6.38 -14.78 -8.28
N CYS A 261 5.11 -15.18 -8.17
CA CYS A 261 4.57 -16.39 -8.81
C CYS A 261 5.34 -17.64 -8.35
N VAL A 262 5.18 -17.90 -7.07
CA VAL A 262 5.64 -19.12 -6.43
C VAL A 262 4.40 -19.84 -5.91
N LEU A 263 4.54 -21.15 -5.71
CA LEU A 263 3.37 -21.98 -5.47
C LEU A 263 3.68 -23.05 -4.45
N LEU A 264 2.69 -23.35 -3.60
CA LEU A 264 2.78 -24.34 -2.53
C LEU A 264 3.47 -25.60 -3.06
N PRO A 265 4.55 -26.05 -2.42
CA PRO A 265 5.30 -27.18 -2.96
C PRO A 265 4.60 -28.50 -2.74
N ARG A 266 4.83 -29.43 -3.65
CA ARG A 266 4.52 -30.82 -3.35
C ARG A 266 5.55 -31.32 -2.34
N ASP A 267 5.12 -32.21 -1.44
CA ASP A 267 6.08 -32.79 -0.51
C ASP A 267 7.13 -33.64 -1.22
N SER A 268 6.94 -33.92 -2.51
CA SER A 268 7.99 -34.56 -3.30
C SER A 268 9.26 -33.72 -3.32
N TYR A 269 9.11 -32.39 -3.33
CA TYR A 269 10.24 -31.49 -3.43
C TYR A 269 10.19 -30.36 -2.40
N ARG A 270 9.24 -30.41 -1.45
CA ARG A 270 9.14 -29.38 -0.42
C ARG A 270 10.46 -29.25 0.35
N ASP A 271 11.05 -30.37 0.73
CA ASP A 271 12.29 -30.34 1.48
C ASP A 271 13.49 -30.08 0.59
N ARG A 272 13.25 -29.90 -0.70
CA ARG A 272 14.28 -29.59 -1.69
C ARG A 272 14.15 -28.16 -2.19
N MET A 273 13.19 -27.40 -1.67
CA MET A 273 12.89 -26.05 -2.11
C MET A 273 13.36 -25.01 -1.09
N PHE A 274 13.75 -23.84 -1.61
CA PHE A 274 14.16 -22.72 -0.78
C PHE A 274 13.57 -21.44 -1.35
N THR A 275 13.43 -20.43 -0.49
CA THR A 275 12.97 -19.12 -0.90
C THR A 275 13.92 -18.06 -0.38
N CYS A 276 13.88 -16.89 -1.01
CA CYS A 276 14.62 -15.73 -0.56
C CYS A 276 13.76 -14.49 -0.84
N GLY A 277 14.33 -13.31 -0.57
CA GLY A 277 13.63 -12.06 -0.82
C GLY A 277 12.31 -12.02 -0.07
N VAL A 278 11.24 -11.71 -0.81
CA VAL A 278 9.92 -11.57 -0.21
C VAL A 278 9.10 -12.85 -0.27
N ALA A 279 9.44 -13.79 -1.14
CA ALA A 279 8.63 -14.98 -1.30
C ALA A 279 8.77 -15.88 -0.09
N ARG A 280 7.67 -16.53 0.30
CA ARG A 280 7.62 -17.41 1.46
C ARG A 280 6.66 -18.56 1.19
N LEU A 281 7.01 -19.74 1.68
CA LEU A 281 6.13 -20.90 1.67
C LEU A 281 6.23 -21.55 3.06
N PRO A 282 5.12 -21.90 3.67
CA PRO A 282 5.19 -22.56 4.97
C PRO A 282 5.86 -23.92 4.87
N GLY A 283 6.88 -24.12 5.70
CA GLY A 283 7.63 -25.36 5.68
C GLY A 283 8.74 -25.44 4.67
N VAL A 284 9.23 -24.32 4.16
CA VAL A 284 10.39 -24.29 3.29
C VAL A 284 11.39 -23.30 3.88
N GLU A 285 12.66 -23.64 3.81
CA GLU A 285 13.69 -22.78 4.41
C GLU A 285 13.83 -21.49 3.61
N HIS A 286 14.03 -20.39 4.34
CA HIS A 286 14.16 -19.06 3.76
C HIS A 286 15.60 -18.60 3.90
N VAL A 287 16.26 -18.37 2.77
CA VAL A 287 17.67 -17.98 2.78
C VAL A 287 17.84 -16.66 3.52
N ASP A 288 18.88 -16.59 4.35
CA ASP A 288 19.18 -15.39 5.11
C ASP A 288 19.95 -14.43 4.20
N GLY A 289 19.32 -13.31 3.87
CA GLY A 289 19.93 -12.34 2.97
C GLY A 289 20.12 -12.91 1.58
N TYR A 290 21.37 -13.02 1.15
CA TYR A 290 21.73 -13.64 -0.12
C TYR A 290 22.78 -14.71 0.10
N ASP A 291 22.68 -15.44 1.21
CA ASP A 291 23.65 -16.45 1.60
C ASP A 291 23.06 -17.81 1.18
N PHE A 292 23.38 -18.22 -0.04
CA PHE A 292 22.74 -19.36 -0.67
C PHE A 292 23.44 -20.68 -0.37
N SER A 293 24.33 -20.72 0.62
CA SER A 293 24.94 -22.00 0.98
C SER A 293 23.90 -23.10 1.18
N PRO A 294 22.82 -22.90 1.97
CA PRO A 294 21.81 -23.96 2.08
C PRO A 294 21.36 -24.55 0.75
N VAL A 295 21.16 -23.74 -0.30
CA VAL A 295 20.71 -24.34 -1.55
C VAL A 295 21.86 -25.12 -2.18
N ILE A 296 23.05 -24.54 -2.23
CA ILE A 296 24.18 -25.20 -2.89
C ILE A 296 24.46 -26.54 -2.21
N GLU A 297 24.54 -26.52 -0.88
CA GLU A 297 24.68 -27.75 -0.10
C GLU A 297 23.61 -28.74 -0.52
N LYS A 298 22.34 -28.32 -0.54
CA LYS A 298 21.28 -29.24 -0.92
C LYS A 298 21.50 -29.77 -2.32
N ALA A 299 21.88 -28.90 -3.26
CA ALA A 299 22.08 -29.34 -4.64
C ALA A 299 23.13 -30.43 -4.74
N LEU A 300 24.06 -30.46 -3.80
CA LEU A 300 25.13 -31.46 -3.81
C LEU A 300 24.77 -32.74 -3.06
N GLU A 301 23.78 -32.68 -2.17
CA GLU A 301 23.35 -33.88 -1.46
C GLU A 301 22.39 -34.73 -2.28
N LEU A 302 21.90 -34.21 -3.37
CA LEU A 302 20.88 -34.74 -4.25
C LEU A 302 21.49 -35.59 -5.36
N PRO A 303 20.76 -36.58 -5.86
CA PRO A 303 21.17 -37.27 -7.09
C PRO A 303 21.31 -36.27 -8.22
N PRO A 304 22.34 -36.40 -9.05
CA PRO A 304 22.57 -35.39 -10.10
C PRO A 304 21.52 -35.50 -11.19
N LEU A 305 21.46 -34.47 -12.02
CA LEU A 305 20.59 -34.60 -13.17
C LEU A 305 21.31 -35.41 -14.26
N LYS A 306 20.53 -35.96 -15.16
CA LYS A 306 21.06 -36.67 -16.31
C LYS A 306 20.66 -35.89 -17.55
N GLU A 307 21.55 -35.84 -18.54
CA GLU A 307 21.28 -35.01 -19.70
C GLU A 307 20.12 -35.57 -20.52
N GLU A 308 19.18 -34.71 -20.88
CA GLU A 308 18.03 -35.07 -21.69
C GLU A 308 18.16 -34.44 -23.08
N ASP A 309 17.24 -34.84 -23.96
CA ASP A 309 17.07 -34.14 -25.23
C ASP A 309 16.44 -32.79 -24.96
N SER A 310 17.10 -31.72 -25.42
CA SER A 310 16.73 -30.35 -25.11
C SER A 310 16.05 -29.67 -26.29
N ALA A 311 15.72 -28.39 -26.08
CA ALA A 311 15.18 -27.51 -27.10
C ALA A 311 15.79 -26.14 -26.89
N THR A 312 15.42 -25.17 -27.73
CA THR A 312 16.02 -23.85 -27.63
C THR A 312 14.95 -22.78 -27.51
N LEU A 313 15.37 -21.65 -26.95
CA LEU A 313 14.53 -20.45 -26.86
C LEU A 313 15.41 -19.24 -27.14
N THR A 314 14.81 -18.13 -27.55
CA THR A 314 15.56 -16.90 -27.77
C THR A 314 14.97 -15.79 -26.93
N THR A 315 15.84 -15.02 -26.28
CA THR A 315 15.39 -13.98 -25.37
C THR A 315 16.42 -12.86 -25.35
N GLY A 316 16.12 -11.82 -24.58
CA GLY A 316 17.07 -10.76 -24.36
C GLY A 316 17.15 -9.75 -25.48
N PHE A 317 16.09 -9.59 -26.26
CA PHE A 317 16.11 -8.59 -27.33
C PHE A 317 16.01 -7.19 -26.74
N GLY A 318 17.16 -6.60 -26.43
CA GLY A 318 17.18 -5.27 -25.89
C GLY A 318 16.99 -4.22 -26.96
N LEU A 319 16.57 -3.03 -26.52
CA LEU A 319 16.19 -1.97 -27.44
C LEU A 319 17.27 -1.71 -28.48
N SER A 320 18.51 -1.52 -28.04
CA SER A 320 19.62 -1.23 -28.96
C SER A 320 19.67 -2.23 -30.12
N THR A 321 19.54 -3.52 -29.82
CA THR A 321 19.49 -4.52 -30.86
C THR A 321 18.34 -4.26 -31.83
N ILE A 322 17.17 -3.89 -31.30
CA ILE A 322 15.99 -3.75 -32.14
C ILE A 322 16.10 -2.54 -33.05
N LEU A 323 16.41 -1.37 -32.49
CA LEU A 323 16.45 -0.16 -33.30
C LEU A 323 17.79 0.06 -33.97
N SER A 324 18.74 -0.87 -33.83
CA SER A 324 19.84 -0.98 -34.78
C SER A 324 19.42 -1.69 -36.05
N LEU A 325 18.27 -2.38 -36.02
CA LEU A 325 17.68 -3.05 -37.17
C LEU A 325 16.65 -2.16 -37.85
N ALA A 326 16.70 -0.85 -37.61
CA ALA A 326 15.61 0.03 -38.02
C ALA A 326 15.57 0.18 -39.54
N ASP A 327 16.73 0.19 -40.19
CA ASP A 327 16.76 0.30 -41.64
C ASP A 327 16.01 -0.85 -42.31
N LYS A 328 16.27 -2.08 -41.86
CA LYS A 328 15.61 -3.24 -42.45
C LYS A 328 14.11 -3.20 -42.20
N ILE A 329 13.70 -2.78 -41.00
CA ILE A 329 12.28 -2.75 -40.69
C ILE A 329 11.57 -1.68 -41.51
N LYS A 330 12.20 -0.52 -41.66
CA LYS A 330 11.70 0.51 -42.56
C LYS A 330 11.49 -0.02 -43.97
N GLU A 331 12.57 -0.56 -44.56
CA GLU A 331 12.48 -1.03 -45.94
C GLU A 331 11.47 -2.16 -46.09
N LEU A 332 11.34 -3.03 -45.09
CA LEU A 332 10.48 -4.21 -45.21
C LEU A 332 9.00 -3.87 -44.99
N VAL A 333 8.69 -2.87 -44.15
CA VAL A 333 7.30 -2.47 -43.98
C VAL A 333 6.86 -1.48 -45.05
N GLU A 334 7.80 -0.75 -45.67
CA GLU A 334 7.41 0.13 -46.76
C GLU A 334 6.97 -0.65 -47.99
N GLU A 335 7.65 -1.74 -48.31
CA GLU A 335 7.23 -2.63 -49.38
C GLU A 335 6.11 -3.57 -48.96
N GLY A 336 5.62 -3.47 -47.72
CA GLY A 336 4.56 -4.34 -47.26
C GLY A 336 4.94 -5.79 -47.11
N LYS A 337 6.23 -6.09 -46.94
CA LYS A 337 6.66 -7.45 -46.67
C LYS A 337 6.63 -7.79 -45.20
N ILE A 338 6.57 -6.78 -44.33
CA ILE A 338 6.19 -6.95 -42.93
C ILE A 338 4.93 -6.13 -42.76
N ARG A 339 3.80 -6.80 -42.53
CA ARG A 339 2.57 -6.03 -42.54
C ARG A 339 2.28 -5.40 -41.18
N ARG A 340 2.41 -6.18 -40.11
CA ARG A 340 1.94 -5.69 -38.82
C ARG A 340 2.78 -6.22 -37.68
N PHE A 341 2.99 -5.34 -36.70
CA PHE A 341 3.55 -5.71 -35.41
C PHE A 341 2.39 -5.99 -34.45
N PHE A 342 2.40 -7.17 -33.85
CA PHE A 342 1.52 -7.47 -32.74
C PHE A 342 2.32 -7.55 -31.46
N LEU A 343 1.79 -7.00 -30.38
CA LEU A 343 2.41 -7.05 -29.06
C LEU A 343 1.57 -8.01 -28.21
N VAL A 344 2.01 -9.26 -28.13
CA VAL A 344 1.30 -10.30 -27.39
C VAL A 344 2.16 -10.71 -26.20
N GLY A 345 1.59 -10.65 -25.00
CA GLY A 345 2.31 -11.06 -23.82
C GLY A 345 1.62 -10.60 -22.56
N GLY A 346 2.32 -10.75 -21.45
CA GLY A 346 1.78 -10.36 -20.15
C GLY A 346 1.69 -11.54 -19.20
N CSS A 347 1.15 -11.29 -18.01
CA CSS A 347 1.07 -12.31 -16.98
CB CSS A 347 0.68 -11.75 -15.61
SG CSS A 347 1.58 -10.31 -15.16
SD CSS A 347 2.54 -10.63 -13.31
C CSS A 347 0.06 -13.36 -17.42
O CSS A 347 -1.08 -13.12 -17.82
N ASP A 348 0.51 -14.61 -17.33
CA ASP A 348 -0.31 -15.76 -17.73
C ASP A 348 -0.91 -16.50 -16.53
N SER A 349 -1.69 -17.53 -16.83
CA SER A 349 -2.40 -18.30 -15.82
C SER A 349 -2.84 -19.61 -16.46
N PRO A 350 -3.03 -20.68 -15.68
CA PRO A 350 -3.54 -21.94 -16.27
C PRO A 350 -5.02 -21.88 -16.58
N LEU A 351 -5.49 -20.75 -17.11
CA LEU A 351 -6.89 -20.71 -17.50
C LEU A 351 -7.04 -21.31 -18.90
N PRO A 352 -8.09 -22.10 -19.13
CA PRO A 352 -8.29 -22.66 -20.48
C PRO A 352 -8.44 -21.59 -21.55
N GLN A 353 -9.13 -20.49 -21.25
CA GLN A 353 -9.28 -19.42 -22.24
C GLN A 353 -7.96 -18.82 -22.65
N ALA A 354 -6.94 -18.90 -21.80
CA ALA A 354 -5.62 -18.39 -22.16
C ALA A 354 -5.02 -19.13 -23.35
N LYS A 355 -5.54 -20.33 -23.66
CA LYS A 355 -5.15 -21.03 -24.89
C LYS A 355 -5.29 -20.15 -26.11
N TYR A 356 -6.17 -19.14 -26.03
CA TYR A 356 -6.29 -18.13 -27.07
C TYR A 356 -4.94 -17.70 -27.61
N TYR A 357 -4.02 -17.34 -26.70
CA TYR A 357 -2.75 -16.76 -27.15
C TYR A 357 -1.88 -17.75 -27.88
N THR A 358 -2.08 -19.05 -27.68
CA THR A 358 -1.37 -20.02 -28.52
C THR A 358 -1.98 -20.08 -29.91
N GLU A 359 -3.32 -20.06 -29.99
CA GLU A 359 -3.97 -20.14 -31.30
C GLU A 359 -3.70 -18.89 -32.12
N PHE A 360 -3.89 -17.72 -31.50
CA PHE A 360 -3.68 -16.42 -32.12
C PHE A 360 -2.37 -16.37 -32.91
N VAL A 361 -1.24 -16.47 -32.21
CA VAL A 361 0.05 -16.41 -32.89
C VAL A 361 0.19 -17.54 -33.90
N ARG A 362 -0.46 -18.68 -33.63
CA ARG A 362 -0.42 -19.77 -34.60
C ARG A 362 -1.15 -19.39 -35.90
N LYS A 363 -2.25 -18.65 -35.80
CA LYS A 363 -3.01 -18.24 -36.98
C LYS A 363 -2.49 -16.94 -37.58
N LEU A 364 -1.60 -16.23 -36.87
CA LEU A 364 -1.09 -14.97 -37.40
C LEU A 364 -0.39 -15.21 -38.74
N PRO A 365 -0.63 -14.36 -39.74
CA PRO A 365 0.01 -14.57 -41.04
C PRO A 365 1.52 -14.51 -40.90
N GLU A 366 2.20 -15.22 -41.81
CA GLU A 366 3.65 -15.35 -41.79
C GLU A 366 4.39 -14.07 -42.17
N ASP A 367 3.68 -12.97 -42.43
CA ASP A 367 4.31 -11.69 -42.75
C ASP A 367 4.10 -10.66 -41.65
N THR A 368 3.97 -11.13 -40.41
CA THR A 368 3.80 -10.26 -39.26
C THR A 368 4.85 -10.63 -38.21
N VAL A 369 5.17 -9.68 -37.34
CA VAL A 369 6.14 -9.93 -36.27
C VAL A 369 5.48 -9.71 -34.91
N VAL A 370 5.81 -10.57 -33.96
CA VAL A 370 5.23 -10.54 -32.62
C VAL A 370 6.31 -10.11 -31.62
N LEU A 371 6.00 -9.08 -30.85
CA LEU A 371 6.81 -8.65 -29.71
C LEU A 371 6.17 -9.21 -28.44
N THR A 372 6.98 -9.89 -27.63
CA THR A 372 6.44 -10.64 -26.50
C THR A 372 7.21 -10.37 -25.22
N LEU A 373 6.49 -10.32 -24.10
CA LEU A 373 7.11 -10.08 -22.80
C LEU A 373 6.32 -10.82 -21.72
N ALA A 374 6.95 -10.95 -20.55
CA ALA A 374 6.39 -11.59 -19.36
C ALA A 374 6.12 -13.08 -19.60
N CYS A 375 5.21 -13.68 -18.83
CA CYS A 375 5.07 -15.13 -18.84
C CYS A 375 4.22 -15.63 -20.01
N GLY A 376 3.33 -14.78 -20.52
CA GLY A 376 2.53 -15.12 -21.68
C GLY A 376 3.33 -15.63 -22.86
N LYS A 377 4.63 -15.31 -22.89
CA LYS A 377 5.47 -15.76 -23.99
C LYS A 377 5.51 -17.28 -24.10
N TYR A 378 5.40 -17.99 -22.97
CA TYR A 378 5.46 -19.44 -23.06
C TYR A 378 4.24 -20.03 -23.75
N ARG A 379 3.23 -19.22 -24.08
CA ARG A 379 2.10 -19.67 -24.88
C ARG A 379 2.49 -19.98 -26.31
N PHE A 380 3.67 -19.55 -26.77
CA PHE A 380 3.98 -19.61 -28.19
C PHE A 380 5.46 -19.37 -28.50
N ASN A 381 6.26 -19.02 -27.50
CA ASN A 381 7.65 -18.71 -27.78
C ASN A 381 8.48 -19.94 -28.14
N SER A 382 7.88 -21.13 -28.09
CA SER A 382 8.57 -22.36 -28.49
C SER A 382 8.20 -22.80 -29.90
N MET A 383 7.35 -22.04 -30.58
CA MET A 383 6.96 -22.38 -31.94
C MET A 383 8.06 -21.96 -32.92
N ASP A 384 8.15 -22.70 -34.03
CA ASP A 384 9.11 -22.37 -35.07
C ASP A 384 8.43 -21.37 -35.99
N LEU A 385 8.52 -20.09 -35.63
CA LEU A 385 7.84 -19.05 -36.36
C LEU A 385 8.61 -18.64 -37.62
N GLY A 386 9.93 -18.64 -37.54
CA GLY A 386 10.76 -18.36 -38.70
C GLY A 386 11.28 -16.94 -38.74
N ASP A 387 11.83 -16.59 -39.89
CA ASP A 387 12.45 -15.28 -40.12
C ASP A 387 11.67 -14.54 -41.18
N ILE A 388 11.72 -13.22 -41.12
CA ILE A 388 11.11 -12.36 -42.14
C ILE A 388 12.23 -11.44 -42.63
N ASP A 389 13.00 -11.93 -43.61
CA ASP A 389 14.17 -11.24 -44.14
C ASP A 389 15.23 -11.00 -43.05
N GLY A 390 15.51 -12.06 -42.30
CA GLY A 390 16.51 -12.02 -41.24
C GLY A 390 16.09 -11.33 -39.97
N ILE A 391 14.87 -10.82 -39.90
CA ILE A 391 14.31 -10.24 -38.67
C ILE A 391 13.43 -11.30 -38.01
N PRO A 392 13.63 -11.60 -36.73
CA PRO A 392 12.87 -12.69 -36.11
C PRO A 392 11.39 -12.33 -35.99
N ARG A 393 10.53 -13.28 -36.34
CA ARG A 393 9.10 -13.07 -36.21
C ARG A 393 8.68 -12.97 -34.75
N LEU A 394 9.39 -13.66 -33.86
CA LEU A 394 9.20 -13.54 -32.42
C LEU A 394 10.36 -12.75 -31.84
N ILE A 395 10.03 -11.75 -31.01
CA ILE A 395 11.04 -10.90 -30.38
C ILE A 395 10.74 -10.86 -28.89
N ASP A 396 11.62 -11.47 -28.10
CA ASP A 396 11.40 -11.63 -26.66
C ASP A 396 12.01 -10.42 -25.96
N LEU A 397 11.17 -9.45 -25.62
CA LEU A 397 11.61 -8.24 -24.94
C LEU A 397 12.01 -8.49 -23.49
N GLY A 398 11.71 -9.68 -22.95
CA GLY A 398 12.11 -10.01 -21.60
C GLY A 398 10.96 -10.25 -20.65
N GLN A 399 11.06 -9.68 -19.45
CA GLN A 399 10.11 -9.96 -18.39
C GLN A 399 9.09 -8.82 -18.26
N CYS A 400 8.15 -8.98 -17.33
CA CYS A 400 7.03 -8.05 -17.21
C CYS A 400 7.51 -6.62 -17.04
N ASN A 401 8.45 -6.40 -16.10
CA ASN A 401 8.97 -5.05 -15.89
C ASN A 401 9.71 -4.50 -17.10
N ASP A 402 9.91 -5.30 -18.14
CA ASP A 402 10.48 -4.79 -19.38
C ASP A 402 9.42 -4.18 -20.30
N SER A 403 8.19 -4.00 -19.83
CA SER A 403 7.21 -3.22 -20.60
C SER A 403 7.80 -1.88 -21.01
N ILE A 404 8.66 -1.31 -20.17
CA ILE A 404 9.25 0.00 -20.43
C ILE A 404 10.04 0.00 -21.72
N VAL A 405 10.58 -1.15 -22.15
CA VAL A 405 11.30 -1.12 -23.42
C VAL A 405 10.31 -1.05 -24.57
N ALA A 406 9.19 -1.78 -24.47
CA ALA A 406 8.20 -1.77 -25.55
C ALA A 406 7.66 -0.36 -25.80
N VAL A 407 7.21 0.30 -24.73
CA VAL A 407 6.74 1.69 -24.86
C VAL A 407 7.85 2.58 -25.42
N GLU A 408 9.11 2.24 -25.15
CA GLU A 408 10.19 3.01 -25.75
C GLU A 408 10.27 2.73 -27.24
N LEU A 409 10.20 1.44 -27.61
CA LEU A 409 10.33 1.05 -29.01
C LEU A 409 9.31 1.76 -29.88
N VAL A 410 8.06 1.85 -29.43
CA VAL A 410 7.03 2.49 -30.24
C VAL A 410 7.36 3.96 -30.47
N GLU A 411 7.89 4.66 -29.45
CA GLU A 411 8.30 6.04 -29.67
C GLU A 411 9.55 6.13 -30.53
N ALA A 412 10.32 5.05 -30.61
CA ALA A 412 11.36 5.00 -31.63
C ALA A 412 10.76 4.64 -32.99
N LEU A 413 9.70 3.84 -33.00
CA LEU A 413 9.08 3.47 -34.28
C LEU A 413 8.32 4.65 -34.88
N SER A 414 7.52 5.34 -34.07
CA SER A 414 6.77 6.50 -34.55
C SER A 414 7.71 7.53 -35.15
N ASN A 415 8.68 7.99 -34.36
CA ASN A 415 9.69 8.93 -34.87
C ASN A 415 10.42 8.36 -36.07
N LEU A 416 10.46 7.03 -36.21
CA LEU A 416 11.11 6.42 -37.37
C LEU A 416 10.26 6.59 -38.62
N PHE A 417 8.94 6.52 -38.49
CA PHE A 417 8.03 6.62 -39.63
C PHE A 417 7.39 8.00 -39.76
N SER A 418 7.76 8.95 -38.91
CA SER A 418 7.09 10.25 -38.83
C SER A 418 5.57 10.07 -38.75
N MET A 419 5.16 9.13 -37.90
CA MET A 419 3.75 8.81 -37.69
C MET A 419 3.37 9.09 -36.24
N ASP A 420 2.09 9.34 -36.02
CA ASP A 420 1.55 9.40 -34.68
C ASP A 420 1.51 8.00 -34.07
N VAL A 421 1.42 7.95 -32.75
CA VAL A 421 1.58 6.69 -32.04
C VAL A 421 0.50 5.70 -32.45
N ASN A 422 -0.70 6.19 -32.77
CA ASN A 422 -1.81 5.35 -33.17
C ASN A 422 -1.92 5.21 -34.68
N GLU A 423 -0.89 5.63 -35.42
CA GLU A 423 -0.80 5.37 -36.85
C GLU A 423 0.21 4.30 -37.21
N LEU A 424 0.88 3.70 -36.22
CA LEU A 424 1.79 2.60 -36.49
C LEU A 424 1.01 1.35 -36.87
N PRO A 425 1.60 0.46 -37.66
CA PRO A 425 0.96 -0.84 -37.93
C PRO A 425 1.15 -1.76 -36.74
N LEU A 426 0.51 -1.39 -35.63
CA LEU A 426 0.70 -2.06 -34.35
C LEU A 426 -0.65 -2.35 -33.72
N SER A 427 -0.84 -3.61 -33.33
CA SER A 427 -1.96 -4.02 -32.49
C SER A 427 -1.42 -4.60 -31.20
N ILE A 428 -2.23 -4.51 -30.14
CA ILE A 428 -1.80 -4.91 -28.80
C ILE A 428 -2.81 -5.91 -28.25
N VAL A 429 -2.34 -7.12 -27.94
CA VAL A 429 -3.17 -8.18 -27.38
C VAL A 429 -2.57 -8.55 -26.05
N LEU A 430 -3.16 -8.03 -24.96
CA LEU A 430 -2.64 -8.27 -23.62
C LEU A 430 -3.13 -9.58 -23.03
N SER A 431 -2.23 -10.28 -22.34
CA SER A 431 -2.58 -11.26 -21.34
C SER A 431 -2.47 -10.58 -19.98
N TRP A 432 -3.59 -10.50 -19.24
CA TRP A 432 -3.65 -9.57 -18.12
C TRP A 432 -4.31 -10.22 -16.92
N MET A 433 -3.62 -10.17 -15.78
CA MET A 433 -4.17 -10.59 -14.49
C MET A 433 -4.49 -9.33 -13.68
N GLU A 434 -5.71 -9.28 -13.15
CA GLU A 434 -6.15 -8.10 -12.41
C GLU A 434 -5.25 -7.82 -11.21
N GLN A 435 -4.94 -8.85 -10.42
CA GLN A 435 -4.12 -8.64 -9.23
C GLN A 435 -2.67 -8.33 -9.58
N LYS A 436 -2.09 -9.10 -10.51
CA LYS A 436 -0.65 -9.07 -10.73
C LYS A 436 -0.23 -7.92 -11.65
N ALA A 437 -1.01 -7.60 -12.66
CA ALA A 437 -0.56 -6.67 -13.70
C ALA A 437 -1.57 -5.57 -13.97
N ALA A 438 -2.21 -5.05 -12.92
CA ALA A 438 -3.05 -3.88 -13.13
C ALA A 438 -2.21 -2.65 -13.45
N ALA A 439 -1.02 -2.58 -12.87
CA ALA A 439 -0.16 -1.41 -13.05
C ALA A 439 0.23 -1.22 -14.52
N ILE A 440 0.53 -2.32 -15.21
CA ILE A 440 0.97 -2.22 -16.61
C ILE A 440 -0.20 -1.79 -17.49
N LEU A 441 -1.41 -2.29 -17.22
CA LEU A 441 -2.57 -1.87 -17.99
C LEU A 441 -2.86 -0.39 -17.78
N TRP A 442 -2.74 0.09 -16.53
CA TRP A 442 -2.99 1.51 -16.28
C TRP A 442 -1.86 2.37 -16.86
N SER A 443 -0.65 1.83 -16.93
CA SER A 443 0.42 2.54 -17.63
C SER A 443 0.09 2.68 -19.12
N LEU A 444 -0.40 1.60 -19.73
CA LEU A 444 -0.78 1.65 -21.13
C LEU A 444 -1.93 2.61 -21.38
N LEU A 445 -2.87 2.71 -20.44
CA LEU A 445 -3.96 3.68 -20.62
C LEU A 445 -3.50 5.11 -20.35
N SER A 446 -2.50 5.31 -19.48
CA SER A 446 -1.97 6.66 -19.30
C SER A 446 -1.44 7.23 -20.60
N LEU A 447 -1.00 6.38 -21.52
CA LEU A 447 -0.49 6.84 -22.80
C LEU A 447 -1.56 6.92 -23.87
N ASN A 448 -2.84 6.81 -23.50
CA ASN A 448 -3.98 6.91 -24.41
C ASN A 448 -3.81 6.01 -25.62
N LEU A 449 -3.43 4.76 -25.36
CA LEU A 449 -3.40 3.74 -26.40
C LEU A 449 -4.79 3.16 -26.56
N ARG A 450 -5.31 3.22 -27.78
CA ARG A 450 -6.71 2.90 -28.05
C ARG A 450 -6.83 1.56 -28.75
N GLY A 451 -7.87 0.82 -28.43
CA GLY A 451 -8.15 -0.45 -29.08
C GLY A 451 -7.17 -1.56 -28.79
N MET A 452 -6.93 -1.83 -27.51
CA MET A 452 -6.14 -2.99 -27.12
C MET A 452 -7.07 -4.16 -26.77
N TYR A 453 -6.49 -5.36 -26.80
CA TYR A 453 -7.21 -6.57 -26.46
C TYR A 453 -6.73 -7.08 -25.10
N ILE A 454 -7.67 -7.45 -24.24
CA ILE A 454 -7.36 -7.70 -22.83
C ILE A 454 -7.23 -9.18 -22.56
N GLY A 455 -6.89 -9.53 -21.32
CA GLY A 455 -6.44 -10.85 -20.95
C GLY A 455 -7.48 -11.95 -21.12
N PRO A 456 -7.22 -13.10 -20.50
CA PRO A 456 -8.10 -14.27 -20.70
C PRO A 456 -9.54 -13.99 -20.30
N ILE A 457 -9.80 -13.85 -19.01
CA ILE A 457 -11.12 -13.49 -18.52
C ILE A 457 -11.16 -11.97 -18.45
N LEU A 458 -12.37 -11.41 -18.50
CA LEU A 458 -12.50 -9.98 -18.29
C LEU A 458 -12.84 -9.70 -16.83
N PRO A 459 -11.92 -9.18 -16.02
CA PRO A 459 -12.32 -8.65 -14.71
C PRO A 459 -13.19 -7.41 -14.81
N GLY A 460 -13.46 -6.98 -16.04
CA GLY A 460 -14.28 -5.84 -16.39
C GLY A 460 -15.40 -5.52 -15.43
N TRP A 461 -15.15 -4.53 -14.59
CA TRP A 461 -16.07 -4.07 -13.57
C TRP A 461 -17.40 -3.72 -14.23
N ALA A 462 -18.41 -4.56 -14.02
CA ALA A 462 -19.68 -4.55 -14.75
C ALA A 462 -20.35 -3.17 -14.83
N ASN A 463 -20.23 -2.35 -13.80
CA ASN A 463 -21.10 -1.18 -13.70
C ASN A 463 -20.68 -0.08 -14.68
N ASP A 464 -21.44 1.02 -14.65
CA ASP A 464 -21.41 2.09 -15.64
C ASP A 464 -20.04 2.76 -15.85
N ASP A 465 -19.63 3.58 -14.89
CA ASP A 465 -18.49 4.49 -15.09
C ASP A 465 -17.25 3.75 -15.52
N ILE A 466 -17.03 2.55 -14.98
CA ILE A 466 -15.80 1.86 -15.31
C ILE A 466 -15.90 1.16 -16.65
N ILE A 467 -16.65 0.07 -16.76
CA ILE A 467 -16.65 -0.68 -18.01
C ILE A 467 -17.22 0.18 -19.15
N ASN A 468 -18.44 0.72 -18.98
CA ASN A 468 -19.05 1.44 -20.08
C ASN A 468 -18.21 2.65 -20.47
N VAL A 469 -18.01 3.59 -19.55
CA VAL A 469 -17.41 4.86 -19.91
C VAL A 469 -15.91 4.71 -20.18
N LEU A 470 -15.18 4.01 -19.32
CA LEU A 470 -13.75 3.90 -19.53
C LEU A 470 -13.44 3.04 -20.77
N VAL A 471 -14.13 1.91 -20.94
CA VAL A 471 -13.91 1.10 -22.12
C VAL A 471 -14.23 1.90 -23.38
N ASP A 472 -15.37 2.60 -23.38
CA ASP A 472 -15.80 3.30 -24.59
C ASP A 472 -14.85 4.45 -24.91
N LYS A 473 -14.19 5.00 -23.88
CA LYS A 473 -13.24 6.08 -24.10
C LYS A 473 -11.91 5.53 -24.61
N TYR A 474 -11.46 4.40 -24.07
CA TYR A 474 -10.21 3.80 -24.50
C TYR A 474 -10.41 2.65 -25.48
N GLU A 475 -11.65 2.39 -25.90
CA GLU A 475 -12.01 1.32 -26.83
C GLU A 475 -11.27 0.02 -26.52
N LEU A 476 -11.13 -0.29 -25.25
CA LEU A 476 -10.53 -1.55 -24.84
C LEU A 476 -11.43 -2.71 -25.22
N THR A 477 -10.85 -3.74 -25.83
CA THR A 477 -11.62 -4.81 -26.47
C THR A 477 -11.35 -6.16 -25.83
N PRO A 478 -12.38 -6.90 -25.44
CA PRO A 478 -12.18 -8.27 -24.97
C PRO A 478 -11.80 -9.20 -26.11
N ILE A 479 -10.95 -10.19 -25.80
CA ILE A 479 -10.54 -11.16 -26.79
C ILE A 479 -11.69 -12.13 -27.09
N GLY A 480 -11.77 -12.56 -28.34
CA GLY A 480 -12.78 -13.52 -28.75
C GLY A 480 -12.21 -14.73 -29.45
N ASP A 481 -12.50 -14.87 -30.74
CA ASP A 481 -11.94 -15.95 -31.56
C ASP A 481 -10.64 -15.49 -32.21
N PRO A 482 -9.62 -16.35 -32.23
CA PRO A 482 -8.34 -15.96 -32.85
C PRO A 482 -8.47 -15.47 -34.29
N GLU A 483 -9.15 -16.23 -35.15
CA GLU A 483 -9.22 -15.87 -36.57
C GLU A 483 -9.97 -14.55 -36.78
N GLU A 484 -11.11 -14.37 -36.10
CA GLU A 484 -11.86 -13.13 -36.25
C GLU A 484 -11.08 -11.95 -35.70
N ASP A 485 -10.39 -12.14 -34.57
CA ASP A 485 -9.60 -11.05 -34.01
C ASP A 485 -8.46 -10.67 -34.95
N ILE A 486 -7.81 -11.66 -35.57
CA ILE A 486 -6.76 -11.34 -36.52
C ILE A 486 -7.33 -10.62 -37.74
N LYS A 487 -8.50 -11.06 -38.21
CA LYS A 487 -9.14 -10.38 -39.34
C LYS A 487 -9.42 -8.93 -39.01
N LYS A 488 -9.94 -8.66 -37.81
CA LYS A 488 -10.24 -7.28 -37.42
C LYS A 488 -8.98 -6.47 -37.18
N MET A 489 -7.88 -7.11 -36.75
CA MET A 489 -6.66 -6.37 -36.49
C MET A 489 -5.86 -6.09 -37.76
N MET A 490 -6.01 -6.91 -38.80
CA MET A 490 -5.24 -6.69 -40.01
C MET A 490 -5.87 -5.61 -40.87
N GLU A 491 -7.19 -5.73 -41.14
CA GLU A 491 -7.96 -4.87 -42.02
C GLU A 491 -7.16 -4.18 -43.13
N ALA B 89 -7.72 -19.19 4.31
CA ALA B 89 -8.60 -18.11 4.75
C ALA B 89 -7.85 -17.20 5.71
N THR B 90 -7.02 -17.81 6.56
CA THR B 90 -6.25 -17.03 7.51
C THR B 90 -5.19 -16.20 6.79
N VAL B 91 -4.65 -16.71 5.68
CA VAL B 91 -3.66 -15.96 4.92
C VAL B 91 -4.27 -14.71 4.29
N ALA B 92 -5.48 -14.83 3.74
CA ALA B 92 -6.14 -13.66 3.17
C ALA B 92 -6.46 -12.62 4.24
N ARG B 93 -7.00 -13.06 5.38
CA ARG B 93 -7.31 -12.14 6.47
C ARG B 93 -6.04 -11.46 6.98
N LEU B 94 -4.92 -12.19 7.04
CA LEU B 94 -3.68 -11.59 7.51
C LEU B 94 -3.13 -10.59 6.48
N GLN B 95 -3.28 -10.88 5.19
CA GLN B 95 -2.89 -9.89 4.18
C GLN B 95 -3.72 -8.63 4.33
N ASP B 96 -5.02 -8.78 4.62
CA ASP B 96 -5.88 -7.62 4.81
C ASP B 96 -5.48 -6.84 6.05
N ASN B 97 -5.12 -7.55 7.13
CA ASN B 97 -4.71 -6.88 8.36
C ASN B 97 -3.40 -6.13 8.18
N LEU B 98 -2.42 -6.75 7.52
CA LEU B 98 -1.18 -6.06 7.20
C LEU B 98 -1.45 -4.83 6.34
N LEU B 99 -2.38 -4.94 5.40
CA LEU B 99 -2.71 -3.80 4.55
C LEU B 99 -3.36 -2.68 5.36
N PHE B 100 -4.18 -3.02 6.35
CA PHE B 100 -4.75 -1.98 7.22
C PHE B 100 -3.67 -1.26 8.01
N ALA B 101 -2.72 -2.03 8.58
CA ALA B 101 -1.59 -1.41 9.26
C ALA B 101 -0.82 -0.48 8.32
N ILE B 102 -0.60 -0.94 7.09
CA ILE B 102 0.08 -0.12 6.08
C ILE B 102 -0.74 1.12 5.77
N LYS B 103 -2.07 1.02 5.79
CA LYS B 103 -2.93 2.18 5.57
C LYS B 103 -2.67 3.25 6.62
N GLY B 104 -2.68 2.85 7.89
CA GLY B 104 -2.38 3.82 8.94
C GLY B 104 -0.99 4.43 8.82
N ILE B 105 0.01 3.58 8.55
CA ILE B 105 1.38 4.07 8.40
C ILE B 105 1.47 5.06 7.24
N SER B 106 0.79 4.76 6.13
CA SER B 106 0.84 5.63 4.96
C SER B 106 0.13 6.95 5.23
N ALA B 107 -0.97 6.92 5.98
CA ALA B 107 -1.63 8.16 6.37
C ALA B 107 -0.67 9.07 7.13
N TYR B 108 -0.07 8.54 8.21
CA TYR B 108 0.85 9.37 9.00
C TYR B 108 2.06 9.80 8.17
N LEU B 109 2.58 8.91 7.32
CA LEU B 109 3.71 9.27 6.47
C LEU B 109 3.34 10.38 5.49
N TYR B 110 2.13 10.33 4.94
CA TYR B 110 1.67 11.38 4.04
C TYR B 110 1.65 12.72 4.75
N HIS B 111 1.06 12.76 5.94
CA HIS B 111 1.00 14.04 6.64
C HIS B 111 2.39 14.53 7.02
N ALA B 112 3.28 13.60 7.37
CA ALA B 112 4.66 13.99 7.67
C ALA B 112 5.37 14.57 6.45
N ARG B 113 5.19 13.95 5.28
CA ARG B 113 5.77 14.48 4.05
C ARG B 113 5.17 15.84 3.72
N GLU B 114 3.87 16.02 3.96
CA GLU B 114 3.22 17.31 3.73
C GLU B 114 3.94 18.43 4.48
N LEU B 115 4.51 18.12 5.64
CA LEU B 115 5.29 19.08 6.42
C LEU B 115 6.78 19.01 6.13
N GLY B 116 7.21 18.15 5.21
CA GLY B 116 8.60 18.13 4.79
C GLY B 116 9.51 17.18 5.55
N TYR B 117 8.99 16.06 6.07
CA TYR B 117 9.80 15.10 6.80
C TYR B 117 9.59 13.71 6.21
N THR B 118 10.69 13.02 5.92
CA THR B 118 10.66 11.76 5.20
C THR B 118 11.66 10.80 5.82
N ASP B 119 11.20 9.57 6.09
CA ASP B 119 12.03 8.51 6.64
C ASP B 119 12.10 7.39 5.62
N GLU B 120 13.31 7.11 5.13
CA GLU B 120 13.47 6.19 4.01
C GLU B 120 13.14 4.75 4.39
N VAL B 121 13.39 4.35 5.63
CA VAL B 121 13.19 2.95 6.00
C VAL B 121 11.71 2.61 6.10
N VAL B 122 10.87 3.56 6.52
CA VAL B 122 9.44 3.30 6.54
C VAL B 122 8.90 3.18 5.13
N ASP B 123 9.44 3.95 4.19
CA ASP B 123 9.05 3.81 2.79
C ASP B 123 9.48 2.47 2.20
N ALA B 124 10.70 2.03 2.55
CA ALA B 124 11.15 0.72 2.10
C ALA B 124 10.30 -0.39 2.68
N PHE B 125 9.89 -0.25 3.96
CA PHE B 125 8.97 -1.20 4.54
C PHE B 125 7.62 -1.16 3.84
N LEU B 126 7.17 0.03 3.46
CA LEU B 126 5.93 0.16 2.70
C LEU B 126 5.99 -0.66 1.42
N GLU B 127 7.07 -0.47 0.66
CA GLU B 127 7.33 -1.28 -0.54
C GLU B 127 7.25 -2.77 -0.23
N ARG B 128 8.06 -3.22 0.74
CA ARG B 128 8.13 -4.65 1.07
C ARG B 128 6.77 -5.20 1.49
N GLY B 129 6.07 -4.48 2.35
CA GLY B 129 4.78 -4.94 2.83
C GLY B 129 3.76 -5.06 1.71
N PHE B 130 3.65 -4.02 0.88
CA PHE B 130 2.77 -4.09 -0.27
C PHE B 130 3.10 -5.29 -1.15
N TYR B 131 4.39 -5.46 -1.46
CA TYR B 131 4.80 -6.53 -2.36
C TYR B 131 4.53 -7.90 -1.75
N SER B 132 4.69 -8.04 -0.44
CA SER B 132 4.44 -9.32 0.23
C SER B 132 2.97 -9.74 0.18
N THR B 133 2.08 -8.89 -0.32
CA THR B 133 0.65 -9.21 -0.38
C THR B 133 0.19 -9.47 -1.81
N LEU B 134 1.10 -9.64 -2.75
CA LEU B 134 0.71 -10.14 -4.07
C LEU B 134 0.23 -11.59 -3.92
N THR B 135 -0.47 -12.07 -4.94
CA THR B 135 -1.18 -13.34 -4.83
C THR B 135 -0.24 -14.51 -4.63
N ASN B 136 0.87 -14.54 -5.36
CA ASN B 136 1.79 -15.68 -5.29
C ASN B 136 3.17 -15.31 -4.77
N VAL B 137 3.23 -14.58 -3.65
CA VAL B 137 4.50 -14.24 -3.01
C VAL B 137 4.66 -14.99 -1.69
N ASN B 138 3.83 -14.66 -0.71
CA ASN B 138 3.99 -15.16 0.65
C ASN B 138 2.73 -15.92 1.04
N PHE B 139 2.90 -17.20 1.39
CA PHE B 139 1.81 -18.06 1.82
C PHE B 139 1.94 -18.47 3.29
N ASP B 140 2.73 -17.75 4.08
CA ASP B 140 3.11 -18.16 5.43
C ASP B 140 2.45 -17.22 6.42
N ALA B 141 1.55 -17.78 7.25
CA ALA B 141 0.79 -16.96 8.19
C ALA B 141 1.69 -16.38 9.28
N GLU B 142 2.60 -17.19 9.83
CA GLU B 142 3.48 -16.70 10.89
C GLU B 142 4.36 -15.57 10.38
N GLU B 143 4.77 -15.62 9.11
CA GLU B 143 5.52 -14.52 8.54
C GLU B 143 4.65 -13.29 8.36
N PHE B 144 3.35 -13.48 8.12
CA PHE B 144 2.45 -12.32 8.07
C PHE B 144 2.28 -11.71 9.45
N VAL B 145 2.32 -12.52 10.50
CA VAL B 145 2.28 -11.96 11.86
C VAL B 145 3.58 -11.19 12.15
N SER B 146 4.71 -11.75 11.74
CA SER B 146 5.97 -11.02 11.85
C SER B 146 5.92 -9.71 11.10
N LEU B 147 5.29 -9.72 9.92
CA LEU B 147 5.13 -8.50 9.12
C LEU B 147 4.23 -7.49 9.82
N ALA B 148 3.18 -7.97 10.49
CA ALA B 148 2.31 -7.07 11.24
C ALA B 148 3.06 -6.44 12.42
N LEU B 149 3.94 -7.21 13.08
CA LEU B 149 4.73 -6.63 14.17
C LEU B 149 5.75 -5.64 13.65
N GLU B 150 6.41 -5.96 12.52
CA GLU B 150 7.28 -4.98 11.88
C GLU B 150 6.50 -3.74 11.46
N ALA B 151 5.24 -3.91 11.09
CA ALA B 151 4.38 -2.78 10.79
C ALA B 151 4.11 -1.95 12.03
N GLY B 152 3.89 -2.60 13.17
CA GLY B 152 3.75 -1.85 14.42
C GLY B 152 5.00 -1.07 14.76
N GLU B 153 6.18 -1.67 14.54
CA GLU B 153 7.43 -0.96 14.77
C GLU B 153 7.56 0.26 13.86
N MET B 154 7.32 0.05 12.56
CA MET B 154 7.35 1.15 11.60
C MET B 154 6.32 2.22 11.91
N ASN B 155 5.15 1.82 12.44
CA ASN B 155 4.14 2.79 12.81
C ASN B 155 4.60 3.62 13.99
N LEU B 156 5.25 3.00 14.97
CA LEU B 156 5.87 3.77 16.05
C LEU B 156 6.86 4.77 15.48
N ARG B 157 7.71 4.32 14.55
CA ARG B 157 8.69 5.20 13.94
C ARG B 157 8.04 6.39 13.24
N THR B 158 7.01 6.14 12.42
CA THR B 158 6.41 7.24 11.65
C THR B 158 5.55 8.12 12.54
N MET B 159 4.91 7.58 13.58
CA MET B 159 4.22 8.44 14.53
C MET B 159 5.20 9.35 15.24
N LYS B 160 6.37 8.82 15.58
CA LYS B 160 7.42 9.63 16.19
C LYS B 160 7.90 10.73 15.24
N LEU B 161 8.10 10.40 13.96
CA LEU B 161 8.55 11.39 12.99
C LEU B 161 7.49 12.47 12.74
N LEU B 162 6.22 12.07 12.72
CA LEU B 162 5.14 13.05 12.53
C LEU B 162 4.97 13.94 13.76
N LYS B 163 5.12 13.36 14.97
CA LYS B 163 5.16 14.17 16.17
C LYS B 163 6.29 15.18 16.10
N LYS B 164 7.46 14.73 15.65
CA LYS B 164 8.61 15.62 15.48
C LYS B 164 8.29 16.75 14.51
N ALA B 165 7.67 16.42 13.39
CA ALA B 165 7.28 17.44 12.41
C ALA B 165 6.33 18.46 13.04
N HIS B 166 5.25 17.97 13.66
CA HIS B 166 4.28 18.85 14.29
C HIS B 166 4.94 19.76 15.32
N MET B 167 5.86 19.21 16.13
CA MET B 167 6.47 20.01 17.18
C MET B 167 7.47 21.02 16.60
N ASP B 168 8.19 20.63 15.54
CA ASP B 168 9.16 21.53 14.94
C ASP B 168 8.50 22.64 14.12
N THR B 169 7.25 22.47 13.71
CA THR B 169 6.59 23.55 12.99
C THR B 169 5.63 24.38 13.85
N TYR B 170 4.91 23.76 14.78
CA TYR B 170 3.87 24.45 15.53
C TYR B 170 4.17 24.53 17.03
N GLY B 171 5.35 24.10 17.46
CA GLY B 171 5.66 24.08 18.87
C GLY B 171 5.13 22.84 19.57
N GLU B 172 5.47 22.73 20.85
CA GLU B 172 5.07 21.58 21.65
C GLU B 172 3.74 21.83 22.34
N PRO B 173 2.79 20.90 22.27
CA PRO B 173 1.44 21.17 22.77
C PRO B 173 1.44 21.42 24.28
N GLU B 174 0.77 22.49 24.68
CA GLU B 174 0.54 22.88 26.06
C GLU B 174 -0.94 22.77 26.38
N PRO B 175 -1.33 22.57 27.64
CA PRO B 175 -2.76 22.46 27.96
C PRO B 175 -3.53 23.67 27.46
N ALA B 176 -4.79 23.44 27.09
CA ALA B 176 -5.56 24.44 26.35
C ALA B 176 -7.03 24.28 26.65
N GLU B 177 -7.68 25.41 26.98
CA GLU B 177 -9.12 25.48 27.16
C GLU B 177 -9.77 25.85 25.84
N VAL B 178 -10.87 25.19 25.52
CA VAL B 178 -11.44 25.17 24.18
C VAL B 178 -12.93 25.47 24.31
N ARG B 179 -13.41 26.40 23.49
CA ARG B 179 -14.79 26.84 23.52
C ARG B 179 -15.64 25.96 22.62
N VAL B 180 -16.75 25.46 23.16
CA VAL B 180 -17.65 24.60 22.39
C VAL B 180 -18.97 25.32 22.19
N GLY B 181 -19.10 26.00 21.07
CA GLY B 181 -20.28 26.77 20.74
C GLY B 181 -19.97 27.84 19.72
N ALA B 182 -21.01 28.28 19.03
CA ALA B 182 -20.86 29.24 17.94
C ALA B 182 -20.78 30.67 18.45
N LEU B 183 -19.85 31.44 17.89
CA LEU B 183 -19.89 32.87 18.04
C LEU B 183 -20.60 33.47 16.83
N ASP B 184 -21.31 34.57 17.05
CA ASP B 184 -22.03 35.21 15.95
C ASP B 184 -21.05 35.70 14.89
N GLY B 185 -21.41 35.46 13.62
CA GLY B 185 -20.60 35.88 12.51
C GLY B 185 -20.34 34.75 11.53
N PRO B 186 -19.71 35.07 10.40
CA PRO B 186 -19.35 34.01 9.45
C PRO B 186 -18.39 33.00 10.07
N ALA B 187 -18.48 31.75 9.60
CA ALA B 187 -17.75 30.67 10.24
C ALA B 187 -17.34 29.60 9.23
N ILE B 188 -16.20 28.97 9.52
CA ILE B 188 -15.72 27.79 8.81
C ILE B 188 -15.43 26.70 9.84
N ILE B 189 -16.03 25.54 9.63
CA ILE B 189 -15.81 24.37 10.49
C ILE B 189 -14.86 23.42 9.78
N ALA B 190 -13.68 23.20 10.37
CA ALA B 190 -12.66 22.33 9.79
C ALA B 190 -12.61 21.00 10.54
N THR B 191 -12.61 19.91 9.78
CA THR B 191 -12.60 18.55 10.32
C THR B 191 -11.52 17.74 9.61
N GLY B 192 -11.04 16.69 10.28
CA GLY B 192 -9.97 15.83 9.81
C GLY B 192 -8.87 15.74 10.84
N HIS B 193 -7.66 15.41 10.40
CA HIS B 193 -6.56 15.17 11.33
C HIS B 193 -5.41 16.16 11.19
N SER B 194 -4.83 16.33 10.00
CA SER B 194 -3.57 17.03 9.87
C SER B 194 -3.76 18.53 10.01
N LEU B 195 -2.83 19.17 10.71
CA LEU B 195 -2.90 20.57 11.07
C LEU B 195 -2.29 21.52 10.05
N LYS B 196 -1.67 21.02 8.99
CA LYS B 196 -1.10 21.92 7.99
C LYS B 196 -2.19 22.68 7.24
N ALA B 197 -3.26 21.97 6.84
CA ALA B 197 -4.37 22.66 6.20
C ALA B 197 -4.99 23.69 7.13
N LEU B 198 -5.16 23.34 8.41
CA LEU B 198 -5.71 24.29 9.37
C LEU B 198 -4.77 25.48 9.56
N GLU B 199 -3.46 25.24 9.58
CA GLU B 199 -2.50 26.34 9.68
C GLU B 199 -2.66 27.30 8.51
N GLU B 200 -2.76 26.75 7.30
CA GLU B 200 -2.88 27.61 6.11
C GLU B 200 -4.23 28.34 6.11
N LEU B 201 -5.30 27.68 6.54
CA LEU B 201 -6.60 28.34 6.63
C LEU B 201 -6.56 29.49 7.63
N LEU B 202 -6.00 29.25 8.83
CA LEU B 202 -5.88 30.30 9.82
C LEU B 202 -5.01 31.43 9.33
N LYS B 203 -3.94 31.09 8.59
CA LYS B 203 -3.08 32.11 8.00
C LYS B 203 -3.85 32.95 6.98
N GLN B 204 -4.78 32.32 6.26
CA GLN B 204 -5.54 32.97 5.20
C GLN B 204 -6.82 33.61 5.69
N THR B 205 -7.15 33.52 6.99
CA THR B 205 -8.41 34.06 7.49
C THR B 205 -8.25 35.19 8.50
N GLU B 206 -7.05 35.66 8.77
CA GLU B 206 -6.89 36.78 9.69
C GLU B 206 -7.41 38.06 9.04
N GLY B 207 -8.18 38.84 9.81
CA GLY B 207 -8.75 40.09 9.34
C GLY B 207 -9.97 39.96 8.46
N SER B 208 -10.22 38.77 7.90
CA SER B 208 -11.37 38.59 7.01
C SER B 208 -12.69 38.59 7.76
N GLY B 209 -12.67 38.32 9.06
CA GLY B 209 -13.88 38.35 9.87
C GLY B 209 -14.65 37.04 9.95
N VAL B 210 -14.02 35.92 9.61
CA VAL B 210 -14.64 34.60 9.72
C VAL B 210 -14.07 33.89 10.93
N ASN B 211 -14.92 33.15 11.63
CA ASN B 211 -14.52 32.35 12.80
C ASN B 211 -14.18 30.94 12.35
N VAL B 212 -13.01 30.46 12.73
CA VAL B 212 -12.57 29.10 12.40
C VAL B 212 -12.86 28.19 13.60
N TYR B 213 -13.71 27.19 13.39
CA TYR B 213 -14.03 26.21 14.41
C TYR B 213 -13.42 24.87 14.03
N THR B 214 -12.97 24.14 15.05
CA THR B 214 -12.43 22.79 14.87
C THR B 214 -13.50 21.75 15.14
N HIS B 215 -13.30 20.56 14.58
CA HIS B 215 -14.24 19.48 14.76
C HIS B 215 -13.46 18.17 14.74
N SER B 216 -13.91 17.22 15.56
CA SER B 216 -13.22 15.95 15.78
C SER B 216 -11.73 16.12 16.05
N GLU B 217 -10.89 15.56 15.18
CA GLU B 217 -9.48 15.40 15.47
C GLU B 217 -8.67 16.65 15.19
N LEU B 218 -9.31 17.77 14.87
CA LEU B 218 -8.67 19.07 14.93
C LEU B 218 -8.86 19.76 16.27
N LEU B 219 -9.61 19.14 17.20
CA LEU B 219 -9.66 19.67 18.56
C LEU B 219 -8.27 19.78 19.19
N PRO B 220 -7.36 18.81 19.06
CA PRO B 220 -6.01 18.99 19.64
C PRO B 220 -5.26 20.20 19.11
N ALA B 221 -5.61 20.71 17.92
CA ALA B 221 -4.93 21.87 17.36
C ALA B 221 -4.88 23.03 18.33
N HIS B 222 -5.88 23.14 19.21
CA HIS B 222 -5.96 24.26 20.14
C HIS B 222 -4.78 24.29 21.10
N GLY B 223 -4.03 23.20 21.21
CA GLY B 223 -2.94 23.12 22.16
C GLY B 223 -1.59 23.53 21.63
N TYR B 224 -1.44 23.59 20.31
CA TYR B 224 -0.15 23.93 19.72
C TYR B 224 0.08 25.43 19.79
N PRO B 225 1.16 25.89 20.43
CA PRO B 225 1.39 27.34 20.55
C PRO B 225 1.46 28.06 19.22
N GLY B 226 2.19 27.51 18.25
CA GLY B 226 2.31 28.15 16.96
C GLY B 226 1.09 28.04 16.08
N LEU B 227 -0.04 27.61 16.64
CA LEU B 227 -1.30 27.47 15.92
C LEU B 227 -2.49 28.06 16.68
N ARG B 228 -2.51 27.92 18.02
CA ARG B 228 -3.49 28.60 18.86
C ARG B 228 -3.28 30.09 18.90
N LYS B 229 -2.13 30.57 18.44
CA LYS B 229 -1.81 31.99 18.50
C LYS B 229 -2.73 32.81 17.61
N TYR B 230 -3.29 32.22 16.57
CA TYR B 230 -4.24 32.93 15.71
C TYR B 230 -5.55 33.14 16.45
N PRO B 231 -5.91 34.39 16.77
CA PRO B 231 -7.08 34.62 17.66
C PRO B 231 -8.41 34.26 17.04
N HIS B 232 -8.51 34.15 15.72
CA HIS B 232 -9.77 33.81 15.08
C HIS B 232 -10.01 32.31 15.00
N LEU B 233 -9.13 31.50 15.57
CA LEU B 233 -9.42 30.10 15.86
C LEU B 233 -10.33 30.08 17.08
N ALA B 234 -11.63 30.19 16.84
CA ALA B 234 -12.57 30.47 17.91
C ALA B 234 -12.62 29.34 18.93
N GLY B 235 -12.87 28.12 18.46
CA GLY B 235 -12.97 26.99 19.38
C GLY B 235 -13.46 25.74 18.68
N GLN B 236 -14.11 24.88 19.46
CA GLN B 236 -14.65 23.62 18.98
C GLN B 236 -16.14 23.77 18.71
N LEU B 237 -16.64 22.92 17.81
CA LEU B 237 -18.05 22.95 17.42
C LEU B 237 -18.41 21.56 16.94
N GLY B 238 -19.28 20.88 17.66
CA GLY B 238 -19.50 19.46 17.45
C GLY B 238 -18.52 18.61 18.25
N GLY B 239 -18.56 17.31 17.97
CA GLY B 239 -17.71 16.37 18.66
C GLY B 239 -17.03 15.38 17.74
N PRO B 240 -17.46 14.11 17.81
CA PRO B 240 -16.86 13.08 16.96
C PRO B 240 -17.21 13.29 15.49
N TRP B 241 -16.54 12.50 14.65
CA TRP B 241 -16.75 12.60 13.20
C TRP B 241 -18.19 12.27 12.82
N PHE B 242 -18.77 11.22 13.39
CA PHE B 242 -20.11 10.82 12.99
C PHE B 242 -21.17 11.83 13.44
N ASP B 243 -20.78 12.95 14.04
CA ASP B 243 -21.68 14.04 14.34
C ASP B 243 -21.86 15.01 13.18
N GLN B 244 -21.10 14.85 12.09
CA GLN B 244 -20.98 15.93 11.10
C GLN B 244 -22.32 16.23 10.43
N ARG B 245 -23.00 15.20 9.91
CA ARG B 245 -24.31 15.41 9.30
C ARG B 245 -25.27 16.10 10.26
N GLU B 246 -25.13 15.84 11.55
CA GLU B 246 -25.86 16.62 12.55
C GLU B 246 -25.30 18.03 12.65
N THR B 247 -24.02 18.14 13.02
CA THR B 247 -23.40 19.43 13.26
C THR B 247 -23.50 20.32 12.03
N PHE B 248 -22.95 19.86 10.91
CA PHE B 248 -22.96 20.63 9.67
C PHE B 248 -24.37 21.05 9.29
N SER B 249 -25.39 20.29 9.70
CA SER B 249 -26.75 20.64 9.34
C SER B 249 -27.22 21.88 10.07
N ARG B 250 -26.90 22.00 11.35
CA ARG B 250 -27.54 23.00 12.21
C ARG B 250 -26.70 24.27 12.38
N TYR B 251 -25.63 24.42 11.60
CA TYR B 251 -24.82 25.64 11.62
C TYR B 251 -24.62 26.09 10.18
N SER B 252 -25.11 27.28 9.85
CA SER B 252 -24.98 27.82 8.48
C SER B 252 -23.57 28.37 8.29
N ALA B 253 -22.60 27.46 8.28
CA ALA B 253 -21.20 27.81 8.15
C ALA B 253 -20.57 27.00 7.03
N ALA B 254 -19.48 27.52 6.47
CA ALA B 254 -18.71 26.76 5.51
C ALA B 254 -18.07 25.55 6.19
N VAL B 255 -17.84 24.50 5.42
CA VAL B 255 -17.36 23.23 5.96
C VAL B 255 -16.14 22.80 5.15
N LEU B 256 -15.06 22.45 5.85
CA LEU B 256 -13.81 22.04 5.21
C LEU B 256 -13.36 20.74 5.85
N GLY B 257 -13.41 19.65 5.09
CA GLY B 257 -12.88 18.38 5.52
C GLY B 257 -11.45 18.16 5.05
N THR B 258 -10.48 18.30 5.95
CA THR B 258 -9.09 18.20 5.55
C THR B 258 -8.63 16.76 5.40
N SER B 259 -9.25 15.81 6.10
CA SER B 259 -8.68 14.46 6.14
C SER B 259 -9.70 13.39 6.50
N ASN B 260 -9.28 12.41 7.30
CA ASN B 260 -10.04 11.19 7.50
C ASN B 260 -11.39 11.44 8.18
N CYS B 261 -12.26 10.43 8.05
CA CYS B 261 -13.58 10.38 8.68
C CYS B 261 -14.46 11.53 8.23
N VAL B 262 -14.74 11.53 6.93
CA VAL B 262 -15.76 12.37 6.32
C VAL B 262 -16.74 11.45 5.60
N LEU B 263 -17.97 11.92 5.44
CA LEU B 263 -19.03 11.09 4.87
C LEU B 263 -20.01 11.97 4.11
N LEU B 264 -20.63 11.38 3.09
CA LEU B 264 -21.55 12.01 2.13
C LEU B 264 -22.48 13.04 2.76
N PRO B 265 -22.55 14.24 2.17
CA PRO B 265 -23.32 15.32 2.78
C PRO B 265 -24.81 15.12 2.61
N ARG B 266 -25.55 15.65 3.59
CA ARG B 266 -26.97 15.88 3.41
C ARG B 266 -27.17 17.05 2.46
N ASP B 267 -28.24 17.00 1.66
CA ASP B 267 -28.50 18.10 0.73
C ASP B 267 -28.76 19.42 1.44
N SER B 268 -28.96 19.42 2.75
CA SER B 268 -29.06 20.66 3.50
C SER B 268 -27.79 21.50 3.40
N TYR B 269 -26.62 20.85 3.37
CA TYR B 269 -25.35 21.55 3.44
C TYR B 269 -24.35 21.10 2.39
N ARG B 270 -24.77 20.33 1.39
CA ARG B 270 -23.85 19.82 0.37
C ARG B 270 -23.06 20.94 -0.30
N ASP B 271 -23.75 22.00 -0.72
CA ASP B 271 -23.13 23.07 -1.50
C ASP B 271 -22.30 24.04 -0.67
N ARG B 272 -22.21 23.87 0.65
CA ARG B 272 -21.36 24.72 1.47
C ARG B 272 -20.15 23.99 2.05
N MET B 273 -19.92 22.74 1.65
CA MET B 273 -18.79 21.97 2.16
C MET B 273 -17.66 21.95 1.13
N PHE B 274 -16.44 21.87 1.63
CA PHE B 274 -15.24 21.83 0.79
C PHE B 274 -14.31 20.75 1.33
N THR B 275 -13.46 20.25 0.44
CA THR B 275 -12.44 19.27 0.82
C THR B 275 -11.08 19.70 0.29
N CYS B 276 -10.03 19.19 0.93
CA CYS B 276 -8.67 19.38 0.45
C CYS B 276 -7.90 18.10 0.74
N GLY B 277 -6.59 18.13 0.48
CA GLY B 277 -5.75 17.00 0.77
C GLY B 277 -6.20 15.73 0.07
N VAL B 278 -6.40 14.67 0.84
CA VAL B 278 -6.74 13.37 0.30
C VAL B 278 -8.25 13.12 0.24
N ALA B 279 -9.05 13.83 1.02
CA ALA B 279 -10.48 13.55 1.12
C ALA B 279 -11.22 14.00 -0.14
N ARG B 280 -12.24 13.22 -0.50
CA ARG B 280 -13.06 13.52 -1.65
C ARG B 280 -14.48 13.06 -1.39
N LEU B 281 -15.45 13.86 -1.86
CA LEU B 281 -16.86 13.49 -1.83
C LEU B 281 -17.47 13.88 -3.17
N PRO B 282 -18.28 13.02 -3.77
CA PRO B 282 -18.92 13.36 -5.04
C PRO B 282 -19.86 14.54 -4.88
N GLY B 283 -19.67 15.56 -5.70
CA GLY B 283 -20.48 16.76 -5.64
C GLY B 283 -20.05 17.78 -4.61
N VAL B 284 -18.80 17.72 -4.18
CA VAL B 284 -18.23 18.72 -3.27
C VAL B 284 -16.93 19.24 -3.87
N GLU B 285 -16.72 20.55 -3.77
CA GLU B 285 -15.53 21.18 -4.33
C GLU B 285 -14.28 20.73 -3.58
N HIS B 286 -13.20 20.51 -4.34
CA HIS B 286 -11.92 20.12 -3.77
C HIS B 286 -10.92 21.25 -3.97
N VAL B 287 -10.44 21.79 -2.86
CA VAL B 287 -9.48 22.90 -2.91
C VAL B 287 -8.20 22.45 -3.62
N ASP B 288 -7.68 23.33 -4.48
CA ASP B 288 -6.43 23.08 -5.18
C ASP B 288 -5.26 23.42 -4.25
N GLY B 289 -4.50 22.40 -3.86
CA GLY B 289 -3.41 22.61 -2.93
C GLY B 289 -3.88 23.04 -1.56
N TYR B 290 -3.50 24.24 -1.13
CA TYR B 290 -3.95 24.81 0.13
C TYR B 290 -4.54 26.19 -0.09
N ASP B 291 -5.26 26.37 -1.19
CA ASP B 291 -5.85 27.65 -1.57
C ASP B 291 -7.32 27.61 -1.13
N PHE B 292 -7.57 28.06 0.09
CA PHE B 292 -8.87 27.92 0.73
C PHE B 292 -9.81 29.08 0.44
N SER B 293 -9.50 29.92 -0.56
CA SER B 293 -10.35 31.05 -0.94
C SER B 293 -11.82 30.70 -1.17
N PRO B 294 -12.17 29.66 -1.94
CA PRO B 294 -13.61 29.30 -2.08
C PRO B 294 -14.34 29.16 -0.75
N VAL B 295 -13.66 28.60 0.26
CA VAL B 295 -14.28 28.34 1.56
C VAL B 295 -14.59 29.64 2.30
N ILE B 296 -13.61 30.55 2.36
CA ILE B 296 -13.83 31.84 3.04
C ILE B 296 -14.91 32.64 2.33
N GLU B 297 -14.88 32.67 0.98
CA GLU B 297 -15.95 33.29 0.22
C GLU B 297 -17.31 32.76 0.64
N LYS B 298 -17.45 31.42 0.68
CA LYS B 298 -18.73 30.82 1.08
C LYS B 298 -19.10 31.26 2.50
N ALA B 299 -18.12 31.27 3.40
CA ALA B 299 -18.39 31.66 4.78
C ALA B 299 -18.91 33.09 4.84
N LEU B 300 -18.53 33.93 3.90
CA LEU B 300 -19.04 35.29 3.90
C LEU B 300 -20.35 35.45 3.13
N GLU B 301 -20.66 34.54 2.20
CA GLU B 301 -21.93 34.63 1.49
C GLU B 301 -23.08 33.98 2.26
N LEU B 302 -22.79 33.21 3.35
CA LEU B 302 -23.80 32.50 4.12
C LEU B 302 -24.33 33.37 5.25
N PRO B 303 -25.57 33.13 5.68
CA PRO B 303 -26.06 33.79 6.89
C PRO B 303 -25.13 33.51 8.05
N PRO B 304 -24.84 34.54 8.86
CA PRO B 304 -23.88 34.35 9.95
C PRO B 304 -24.44 33.46 11.05
N LEU B 305 -23.54 33.01 11.91
CA LEU B 305 -23.87 32.19 13.05
C LEU B 305 -24.41 33.06 14.18
N LYS B 306 -25.05 32.42 15.15
CA LYS B 306 -25.62 33.09 16.32
C LYS B 306 -24.93 32.68 17.61
N GLU B 307 -25.00 33.58 18.60
CA GLU B 307 -24.28 33.43 19.86
C GLU B 307 -24.70 32.14 20.56
N GLU B 308 -23.75 31.56 21.28
CA GLU B 308 -23.86 30.24 21.89
C GLU B 308 -24.19 30.35 23.38
N ASP B 309 -24.61 29.20 23.94
CA ASP B 309 -24.71 29.06 25.38
C ASP B 309 -23.33 28.91 26.01
N SER B 310 -22.36 28.44 25.23
CA SER B 310 -20.97 28.15 25.60
C SER B 310 -20.81 26.94 26.51
N ALA B 311 -19.73 26.18 26.25
CA ALA B 311 -19.26 25.10 27.09
C ALA B 311 -17.75 25.07 26.95
N THR B 312 -17.10 24.18 27.71
CA THR B 312 -15.64 24.12 27.69
C THR B 312 -15.16 22.69 27.51
N LEU B 313 -13.95 22.58 26.97
CA LEU B 313 -13.20 21.33 26.88
C LEU B 313 -11.72 21.64 27.10
N THR B 314 -10.96 20.62 27.47
CA THR B 314 -9.54 20.77 27.69
C THR B 314 -8.76 19.78 26.83
N THR B 315 -7.66 20.24 26.25
CA THR B 315 -6.88 19.43 25.32
C THR B 315 -5.43 19.88 25.37
N GLY B 316 -4.58 19.22 24.56
CA GLY B 316 -3.22 19.67 24.38
C GLY B 316 -2.25 19.28 25.47
N PHE B 317 -2.51 18.19 26.19
CA PHE B 317 -1.58 17.75 27.23
C PHE B 317 -0.35 17.12 26.60
N GLY B 318 0.66 17.95 26.28
CA GLY B 318 1.87 17.44 25.70
C GLY B 318 2.81 16.84 26.73
N LEU B 319 3.70 15.96 26.25
CA LEU B 319 4.56 15.17 27.14
C LEU B 319 5.31 16.08 28.12
N SER B 320 5.99 17.11 27.59
CA SER B 320 6.75 18.02 28.43
C SER B 320 5.93 18.52 29.61
N THR B 321 4.68 18.92 29.36
CA THR B 321 3.80 19.34 30.43
C THR B 321 3.61 18.25 31.47
N ILE B 322 3.43 17.00 31.03
CA ILE B 322 3.11 15.92 31.95
C ILE B 322 4.33 15.55 32.80
N LEU B 323 5.48 15.33 32.17
CA LEU B 323 6.61 14.87 32.97
C LEU B 323 7.36 16.03 33.63
N SER B 324 6.86 17.26 33.51
CA SER B 324 7.22 18.30 34.44
C SER B 324 6.39 18.20 35.72
N LEU B 325 5.28 17.45 35.67
CA LEU B 325 4.45 17.12 36.82
C LEU B 325 4.75 15.73 37.36
N ALA B 326 5.90 15.16 37.02
CA ALA B 326 6.17 13.75 37.32
C ALA B 326 6.45 13.53 38.81
N ASP B 327 7.17 14.46 39.44
CA ASP B 327 7.42 14.37 40.87
C ASP B 327 6.10 14.32 41.64
N LYS B 328 5.16 15.18 41.27
CA LYS B 328 3.89 15.26 41.99
C LYS B 328 3.09 13.96 41.86
N ILE B 329 3.06 13.35 40.68
CA ILE B 329 2.31 12.11 40.53
C ILE B 329 3.02 10.95 41.24
N LYS B 330 4.35 10.93 41.21
CA LYS B 330 5.08 9.97 42.04
C LYS B 330 4.66 10.09 43.50
N GLU B 331 4.71 11.31 44.03
CA GLU B 331 4.30 11.58 45.41
C GLU B 331 2.87 11.14 45.66
N LEU B 332 2.00 11.33 44.68
CA LEU B 332 0.57 11.08 44.90
C LEU B 332 0.22 9.60 44.77
N VAL B 333 0.95 8.84 43.96
CA VAL B 333 0.65 7.41 43.88
C VAL B 333 1.35 6.64 44.99
N GLU B 334 2.47 7.16 45.51
CA GLU B 334 3.06 6.51 46.69
C GLU B 334 2.18 6.77 47.92
N GLU B 335 1.54 7.94 47.97
CA GLU B 335 0.58 8.25 49.02
C GLU B 335 -0.76 7.54 48.82
N GLY B 336 -0.91 6.79 47.73
CA GLY B 336 -2.13 6.03 47.49
C GLY B 336 -3.37 6.88 47.30
N LYS B 337 -3.23 8.15 46.94
CA LYS B 337 -4.41 8.97 46.70
C LYS B 337 -4.89 8.91 45.26
N ILE B 338 -4.02 8.54 44.31
CA ILE B 338 -4.44 8.21 42.96
C ILE B 338 -3.96 6.78 42.66
N ARG B 339 -4.91 5.88 42.41
CA ARG B 339 -4.62 4.45 42.33
C ARG B 339 -4.13 4.01 40.96
N ARG B 340 -4.81 4.42 39.89
CA ARG B 340 -4.51 3.82 38.59
C ARG B 340 -4.65 4.82 37.46
N PHE B 341 -3.78 4.64 36.47
CA PHE B 341 -3.88 5.29 35.18
C PHE B 341 -4.66 4.35 34.25
N PHE B 342 -5.75 4.84 33.68
CA PHE B 342 -6.42 4.13 32.58
C PHE B 342 -6.16 4.90 31.30
N LEU B 343 -5.88 4.17 30.21
CA LEU B 343 -5.71 4.77 28.89
C LEU B 343 -6.91 4.37 28.05
N VAL B 344 -7.90 5.26 27.99
CA VAL B 344 -9.15 5.01 27.27
C VAL B 344 -9.25 5.95 26.09
N GLY B 345 -9.47 5.40 24.90
CA GLY B 345 -9.64 6.22 23.72
C GLY B 345 -9.56 5.39 22.47
N GLY B 346 -9.51 6.09 21.34
CA GLY B 346 -9.44 5.42 20.04
C GLY B 346 -10.60 5.76 19.13
N CSS B 347 -10.69 5.05 18.00
CA CSS B 347 -11.73 5.33 17.03
CB CSS B 347 -11.54 4.60 15.69
SG CSS B 347 -9.92 4.07 15.33
SD CSS B 347 -8.90 5.72 14.50
C CSS B 347 -13.08 4.91 17.55
O CSS B 347 -13.32 3.87 18.17
N ASP B 348 -14.05 5.79 17.28
CA ASP B 348 -15.42 5.55 17.67
C ASP B 348 -16.31 5.37 16.44
N SER B 349 -17.59 5.09 16.69
CA SER B 349 -18.54 4.77 15.64
C SER B 349 -19.94 4.93 16.20
N PRO B 350 -20.93 5.16 15.34
CA PRO B 350 -22.32 5.21 15.85
C PRO B 350 -22.87 3.83 16.16
N LEU B 351 -22.02 2.97 16.72
CA LEU B 351 -22.38 1.66 17.22
C LEU B 351 -22.98 1.79 18.62
N PRO B 352 -24.08 1.09 18.90
CA PRO B 352 -24.64 1.13 20.26
C PRO B 352 -23.69 0.59 21.31
N GLN B 353 -22.93 -0.45 20.96
CA GLN B 353 -22.00 -1.05 21.91
C GLN B 353 -20.95 -0.04 22.37
N ALA B 354 -20.65 0.97 21.55
CA ALA B 354 -19.67 1.97 21.95
C ALA B 354 -20.13 2.79 23.15
N LYS B 355 -21.44 2.80 23.45
CA LYS B 355 -21.92 3.39 24.69
C LYS B 355 -21.18 2.87 25.90
N TYR B 356 -20.60 1.66 25.80
CA TYR B 356 -19.72 1.12 26.84
C TYR B 356 -18.79 2.19 27.39
N TYR B 357 -18.11 2.92 26.50
CA TYR B 357 -17.09 3.86 26.94
C TYR B 357 -17.65 5.03 27.71
N THR B 358 -18.95 5.33 27.56
CA THR B 358 -19.56 6.33 28.42
C THR B 358 -19.78 5.78 29.82
N GLU B 359 -20.23 4.53 29.93
CA GLU B 359 -20.48 3.93 31.23
C GLU B 359 -19.18 3.68 31.99
N PHE B 360 -18.18 3.12 31.31
CA PHE B 360 -16.87 2.79 31.87
C PHE B 360 -16.33 3.91 32.76
N VAL B 361 -15.97 5.04 32.14
CA VAL B 361 -15.42 6.18 32.89
C VAL B 361 -16.43 6.71 33.89
N ARG B 362 -17.73 6.57 33.59
CA ARG B 362 -18.75 7.01 34.54
C ARG B 362 -18.66 6.21 35.83
N LYS B 363 -18.30 4.94 35.72
CA LYS B 363 -18.20 4.05 36.86
C LYS B 363 -16.81 4.07 37.50
N LEU B 364 -15.83 4.68 36.83
CA LEU B 364 -14.47 4.70 37.34
C LEU B 364 -14.39 5.40 38.70
N PRO B 365 -13.69 4.83 39.67
CA PRO B 365 -13.56 5.47 40.98
C PRO B 365 -12.83 6.80 40.90
N GLU B 366 -13.12 7.67 41.88
CA GLU B 366 -12.55 9.01 41.92
C GLU B 366 -11.07 9.03 42.22
N ASP B 367 -10.41 7.87 42.35
CA ASP B 367 -8.99 7.81 42.64
C ASP B 367 -8.19 7.26 41.45
N THR B 368 -8.69 7.48 40.24
CA THR B 368 -8.02 7.09 39.00
C THR B 368 -7.97 8.28 38.06
N VAL B 369 -7.00 8.27 37.14
CA VAL B 369 -6.95 9.29 36.10
C VAL B 369 -7.04 8.60 34.74
N VAL B 370 -7.72 9.27 33.80
CA VAL B 370 -7.95 8.74 32.47
C VAL B 370 -7.14 9.57 31.47
N LEU B 371 -6.28 8.89 30.72
CA LEU B 371 -5.56 9.45 29.58
C LEU B 371 -6.35 9.10 28.33
N THR B 372 -6.62 10.10 27.49
CA THR B 372 -7.56 9.89 26.40
C THR B 372 -6.95 10.33 25.07
N LEU B 373 -7.32 9.62 24.01
CA LEU B 373 -6.82 9.88 22.66
C LEU B 373 -7.90 9.63 21.63
N ALA B 374 -7.68 10.21 20.44
CA ALA B 374 -8.55 10.08 19.27
C ALA B 374 -9.96 10.59 19.55
N CYS B 375 -10.92 10.16 18.73
CA CYS B 375 -12.27 10.71 18.79
C CYS B 375 -13.15 10.01 19.82
N GLY B 376 -12.83 8.77 20.19
CA GLY B 376 -13.56 8.07 21.24
C GLY B 376 -13.68 8.85 22.53
N LYS B 377 -12.78 9.82 22.73
CA LYS B 377 -12.83 10.65 23.92
C LYS B 377 -14.15 11.40 24.03
N TYR B 378 -14.76 11.72 22.90
CA TYR B 378 -16.04 12.41 22.97
C TYR B 378 -17.14 11.57 23.60
N ARG B 379 -16.85 10.31 23.92
CA ARG B 379 -17.79 9.53 24.73
C ARG B 379 -17.91 10.07 26.15
N PHE B 380 -16.99 10.94 26.58
CA PHE B 380 -16.89 11.30 27.98
C PHE B 380 -16.01 12.49 28.26
N ASN B 381 -15.35 13.06 27.24
CA ASN B 381 -14.42 14.13 27.53
C ASN B 381 -15.11 15.41 27.99
N SER B 382 -16.43 15.43 28.03
CA SER B 382 -17.20 16.55 28.55
C SER B 382 -17.72 16.29 29.96
N MET B 383 -17.41 15.14 30.54
CA MET B 383 -17.85 14.81 31.89
C MET B 383 -17.03 15.54 32.93
N ASP B 384 -17.64 15.79 34.09
CA ASP B 384 -16.99 16.44 35.22
C ASP B 384 -16.26 15.39 36.05
N LEU B 385 -15.01 15.10 35.68
CA LEU B 385 -14.24 14.11 36.42
C LEU B 385 -13.56 14.73 37.64
N GLY B 386 -13.08 15.96 37.51
CA GLY B 386 -12.51 16.67 38.65
C GLY B 386 -11.00 16.58 38.70
N ASP B 387 -10.47 16.99 39.85
CA ASP B 387 -9.03 17.04 40.09
C ASP B 387 -8.65 16.10 41.21
N ILE B 388 -7.40 15.63 41.18
CA ILE B 388 -6.82 14.83 42.24
C ILE B 388 -5.55 15.56 42.68
N ASP B 389 -5.70 16.51 43.60
CA ASP B 389 -4.62 17.38 44.06
C ASP B 389 -4.05 18.19 42.91
N GLY B 390 -4.95 18.81 42.13
CA GLY B 390 -4.56 19.62 41.00
C GLY B 390 -4.12 18.86 39.78
N ILE B 391 -4.17 17.53 39.81
CA ILE B 391 -3.86 16.71 38.65
C ILE B 391 -5.21 16.33 37.99
N PRO B 392 -5.41 16.63 36.71
CA PRO B 392 -6.73 16.38 36.12
C PRO B 392 -7.02 14.89 35.99
N ARG B 393 -8.24 14.51 36.37
CA ARG B 393 -8.65 13.13 36.23
C ARG B 393 -8.75 12.72 34.76
N LEU B 394 -9.14 13.64 33.88
CA LEU B 394 -9.08 13.44 32.45
C LEU B 394 -7.92 14.27 31.89
N ILE B 395 -7.08 13.63 31.09
CA ILE B 395 -5.92 14.26 30.49
C ILE B 395 -5.92 13.87 29.00
N ASP B 396 -6.11 14.87 28.14
CA ASP B 396 -6.32 14.68 26.70
C ASP B 396 -4.96 14.72 26.01
N LEU B 397 -4.41 13.55 25.68
CA LEU B 397 -3.14 13.51 24.98
C LEU B 397 -3.25 13.99 23.53
N GLY B 398 -4.47 14.16 23.01
CA GLY B 398 -4.64 14.69 21.68
C GLY B 398 -5.30 13.73 20.70
N GLN B 399 -4.71 13.64 19.52
CA GLN B 399 -5.27 12.91 18.40
C GLN B 399 -4.59 11.55 18.24
N CYS B 400 -5.11 10.75 17.29
CA CYS B 400 -4.68 9.36 17.16
C CYS B 400 -3.16 9.23 16.99
N ASN B 401 -2.59 10.01 16.08
CA ASN B 401 -1.15 9.90 15.84
C ASN B 401 -0.31 10.32 17.04
N ASP B 402 -0.93 10.90 18.07
CA ASP B 402 -0.23 11.22 19.31
C ASP B 402 -0.14 10.04 20.25
N SER B 403 -0.54 8.84 19.82
CA SER B 403 -0.25 7.65 20.60
C SER B 403 1.21 7.60 21.00
N ILE B 404 2.09 8.15 20.17
CA ILE B 404 3.52 8.09 20.40
C ILE B 404 3.92 8.78 21.71
N VAL B 405 3.15 9.77 22.17
CA VAL B 405 3.53 10.37 23.43
C VAL B 405 3.16 9.45 24.59
N ALA B 406 2.02 8.77 24.49
CA ALA B 406 1.66 7.79 25.51
C ALA B 406 2.75 6.74 25.63
N VAL B 407 3.18 6.18 24.49
CA VAL B 407 4.26 5.22 24.47
C VAL B 407 5.53 5.79 25.10
N GLU B 408 5.76 7.10 24.94
CA GLU B 408 6.89 7.70 25.64
C GLU B 408 6.58 7.87 27.12
N LEU B 409 5.36 8.32 27.45
CA LEU B 409 5.02 8.62 28.83
C LEU B 409 5.27 7.44 29.75
N VAL B 410 4.82 6.24 29.34
CA VAL B 410 5.01 5.05 30.16
C VAL B 410 6.49 4.78 30.35
N GLU B 411 7.29 4.99 29.29
CA GLU B 411 8.73 4.78 29.39
C GLU B 411 9.39 5.83 30.28
N ALA B 412 8.75 6.97 30.48
CA ALA B 412 9.17 7.91 31.51
C ALA B 412 8.66 7.49 32.89
N LEU B 413 7.50 6.83 32.93
CA LEU B 413 6.95 6.39 34.21
C LEU B 413 7.77 5.25 34.80
N SER B 414 8.15 4.27 33.97
CA SER B 414 8.94 3.15 34.47
C SER B 414 10.22 3.65 35.13
N ASN B 415 11.04 4.39 34.38
CA ASN B 415 12.25 4.98 34.96
C ASN B 415 11.94 5.86 36.16
N LEU B 416 10.73 6.41 36.23
CA LEU B 416 10.36 7.23 37.39
C LEU B 416 10.11 6.37 38.61
N PHE B 417 9.50 5.19 38.42
CA PHE B 417 9.14 4.33 39.54
C PHE B 417 10.12 3.19 39.74
N SER B 418 11.19 3.12 38.95
CA SER B 418 12.10 1.97 38.94
C SER B 418 11.31 0.67 38.83
N MET B 419 10.32 0.68 37.94
CA MET B 419 9.46 -0.48 37.68
C MET B 419 9.62 -0.90 36.23
N ASP B 420 9.43 -2.18 35.97
CA ASP B 420 9.30 -2.59 34.58
C ASP B 420 7.92 -2.20 34.07
N VAL B 421 7.78 -2.20 32.74
CA VAL B 421 6.61 -1.60 32.11
C VAL B 421 5.30 -2.30 32.50
N ASN B 422 5.33 -3.61 32.73
CA ASN B 422 4.10 -4.35 32.97
C ASN B 422 3.76 -4.55 34.45
N GLU B 423 4.48 -3.90 35.36
CA GLU B 423 4.05 -3.83 36.76
C GLU B 423 3.60 -2.43 37.14
N LEU B 424 3.58 -1.49 36.20
CA LEU B 424 3.10 -0.16 36.47
C LEU B 424 1.58 -0.18 36.69
N PRO B 425 1.05 0.75 37.49
CA PRO B 425 -0.41 0.80 37.69
C PRO B 425 -1.16 1.41 36.52
N LEU B 426 -1.19 0.68 35.40
CA LEU B 426 -1.76 1.16 34.15
C LEU B 426 -2.67 0.11 33.55
N SER B 427 -3.88 0.52 33.19
CA SER B 427 -4.79 -0.29 32.40
C SER B 427 -5.05 0.42 31.07
N ILE B 428 -5.32 -0.36 30.04
CA ILE B 428 -5.49 0.15 28.68
C ILE B 428 -6.78 -0.39 28.10
N VAL B 429 -7.68 0.51 27.72
CA VAL B 429 -8.98 0.17 27.14
C VAL B 429 -9.06 0.80 25.76
N LEU B 430 -8.85 0.01 24.71
CA LEU B 430 -8.92 0.53 23.36
C LEU B 430 -10.35 0.61 22.85
N SER B 431 -10.66 1.71 22.17
CA SER B 431 -11.75 1.74 21.20
C SER B 431 -11.10 1.59 19.84
N TRP B 432 -11.40 0.49 19.15
CA TRP B 432 -10.57 0.06 18.04
C TRP B 432 -11.39 -0.44 16.87
N MET B 433 -11.15 0.14 15.70
CA MET B 433 -11.67 -0.35 14.43
C MET B 433 -10.52 -0.94 13.64
N GLU B 434 -10.70 -2.18 13.16
CA GLU B 434 -9.64 -2.85 12.42
C GLU B 434 -9.20 -2.04 11.21
N GLN B 435 -10.15 -1.47 10.48
CA GLN B 435 -9.82 -0.72 9.27
C GLN B 435 -9.03 0.54 9.62
N LYS B 436 -9.49 1.28 10.63
CA LYS B 436 -8.97 2.62 10.84
C LYS B 436 -7.70 2.65 11.68
N ALA B 437 -7.58 1.81 12.71
CA ALA B 437 -6.51 1.93 13.69
C ALA B 437 -5.83 0.59 13.95
N ALA B 438 -5.57 -0.18 12.90
CA ALA B 438 -4.76 -1.38 13.09
C ALA B 438 -3.32 -1.03 13.44
N ALA B 439 -2.81 0.09 12.90
CA ALA B 439 -1.41 0.44 13.07
C ALA B 439 -1.06 0.69 14.53
N ILE B 440 -1.91 1.42 15.26
CA ILE B 440 -1.57 1.76 16.64
C ILE B 440 -1.66 0.52 17.53
N LEU B 441 -2.63 -0.36 17.26
CA LEU B 441 -2.72 -1.61 18.02
C LEU B 441 -1.50 -2.48 17.77
N TRP B 442 -1.05 -2.58 16.53
CA TRP B 442 0.14 -3.38 16.26
C TRP B 442 1.40 -2.73 16.83
N SER B 443 1.41 -1.39 16.92
CA SER B 443 2.51 -0.72 17.61
C SER B 443 2.52 -1.08 19.09
N LEU B 444 1.36 -1.05 19.73
CA LEU B 444 1.28 -1.42 21.15
C LEU B 444 1.68 -2.86 21.36
N LEU B 445 1.35 -3.73 20.40
CA LEU B 445 1.72 -5.13 20.51
C LEU B 445 3.21 -5.36 20.25
N SER B 446 3.82 -4.55 19.37
CA SER B 446 5.27 -4.62 19.15
C SER B 446 6.04 -4.30 20.42
N LEU B 447 5.46 -3.50 21.31
CA LEU B 447 6.06 -3.13 22.58
C LEU B 447 5.71 -4.12 23.68
N ASN B 448 5.07 -5.25 23.33
CA ASN B 448 4.75 -6.33 24.25
C ASN B 448 4.01 -5.80 25.50
N LEU B 449 2.97 -5.00 25.27
CA LEU B 449 2.05 -4.65 26.34
C LEU B 449 0.99 -5.74 26.44
N ARG B 450 0.87 -6.33 27.63
CA ARG B 450 0.06 -7.53 27.83
C ARG B 450 -1.22 -7.18 28.56
N GLY B 451 -2.30 -7.85 28.20
CA GLY B 451 -3.57 -7.68 28.89
C GLY B 451 -4.24 -6.35 28.68
N MET B 452 -4.43 -5.96 27.43
CA MET B 452 -5.24 -4.78 27.11
C MET B 452 -6.66 -5.20 26.78
N TYR B 453 -7.57 -4.25 26.88
CA TYR B 453 -8.98 -4.46 26.57
C TYR B 453 -9.32 -3.77 25.27
N ILE B 454 -10.01 -4.49 24.38
CA ILE B 454 -10.12 -4.10 22.99
C ILE B 454 -11.50 -3.49 22.73
N GLY B 455 -11.69 -2.97 21.51
CA GLY B 455 -12.78 -2.09 21.18
C GLY B 455 -14.18 -2.67 21.25
N PRO B 456 -15.14 -1.96 20.65
CA PRO B 456 -16.54 -2.37 20.71
C PRO B 456 -16.74 -3.75 20.12
N ILE B 457 -17.82 -4.41 20.55
CA ILE B 457 -18.12 -5.75 20.09
C ILE B 457 -18.99 -5.68 18.84
N LEU B 458 -18.51 -6.29 17.76
CA LEU B 458 -19.27 -6.49 16.54
C LEU B 458 -19.78 -7.92 16.57
N PRO B 459 -21.10 -8.15 16.65
CA PRO B 459 -21.66 -9.52 16.68
C PRO B 459 -20.82 -10.60 16.02
N GLY B 460 -20.31 -10.34 14.82
CA GLY B 460 -19.46 -11.28 14.12
C GLY B 460 -18.09 -11.49 14.74
N TRP B 461 -17.66 -10.60 15.64
CA TRP B 461 -16.32 -10.71 16.22
C TRP B 461 -16.04 -12.08 16.82
N ALA B 462 -17.06 -12.75 17.37
CA ALA B 462 -16.82 -14.00 18.07
C ALA B 462 -16.05 -15.00 17.22
N ASN B 463 -16.47 -15.21 15.97
CA ASN B 463 -15.82 -16.18 15.10
C ASN B 463 -14.56 -15.62 14.44
N ASP B 464 -14.46 -14.29 14.34
CA ASP B 464 -13.39 -13.66 13.58
C ASP B 464 -12.03 -14.11 14.10
N ASP B 465 -11.30 -14.83 13.25
CA ASP B 465 -10.09 -15.52 13.67
C ASP B 465 -9.05 -14.53 14.23
N ILE B 466 -9.12 -13.26 13.82
CA ILE B 466 -8.07 -12.31 14.19
C ILE B 466 -8.16 -11.99 15.69
N ILE B 467 -9.37 -11.75 16.19
CA ILE B 467 -9.56 -11.48 17.62
C ILE B 467 -9.07 -12.68 18.43
N ASN B 468 -9.49 -13.89 18.01
CA ASN B 468 -9.08 -15.10 18.69
C ASN B 468 -7.57 -15.21 18.78
N VAL B 469 -6.88 -15.04 17.64
CA VAL B 469 -5.44 -15.24 17.61
C VAL B 469 -4.73 -14.16 18.43
N LEU B 470 -5.21 -12.91 18.38
CA LEU B 470 -4.58 -11.88 19.19
C LEU B 470 -4.74 -12.18 20.68
N VAL B 471 -5.94 -12.60 21.07
CA VAL B 471 -6.24 -12.93 22.47
C VAL B 471 -5.34 -14.05 22.96
N ASP B 472 -5.15 -15.10 22.17
CA ASP B 472 -4.49 -16.28 22.74
C ASP B 472 -3.04 -16.00 23.14
N LYS B 473 -2.31 -15.20 22.35
CA LYS B 473 -0.92 -14.93 22.68
C LYS B 473 -0.68 -13.67 23.49
N TYR B 474 -1.35 -12.55 23.19
CA TYR B 474 -1.10 -11.33 23.95
C TYR B 474 -2.13 -11.07 25.04
N GLU B 475 -2.99 -12.06 25.31
CA GLU B 475 -4.02 -11.96 26.35
C GLU B 475 -4.81 -10.66 26.25
N LEU B 476 -5.11 -10.25 25.02
CA LEU B 476 -6.02 -9.14 24.82
C LEU B 476 -7.41 -9.56 25.26
N THR B 477 -8.11 -8.67 25.96
CA THR B 477 -9.36 -9.06 26.58
C THR B 477 -10.50 -8.29 25.95
N PRO B 478 -11.55 -8.96 25.48
CA PRO B 478 -12.72 -8.23 24.98
C PRO B 478 -13.46 -7.55 26.11
N ILE B 479 -14.02 -6.38 25.82
CA ILE B 479 -14.76 -5.65 26.83
C ILE B 479 -16.11 -6.33 27.07
N GLY B 480 -16.56 -6.30 28.32
CA GLY B 480 -17.84 -6.87 28.70
C GLY B 480 -18.69 -5.86 29.44
N ASP B 481 -18.91 -6.08 30.73
CA ASP B 481 -19.64 -5.06 31.47
C ASP B 481 -18.64 -4.06 32.06
N PRO B 482 -18.95 -2.76 31.99
CA PRO B 482 -18.02 -1.75 32.54
C PRO B 482 -17.64 -2.00 33.99
N GLU B 483 -18.62 -2.22 34.86
CA GLU B 483 -18.36 -2.38 36.28
C GLU B 483 -17.51 -3.60 36.57
N GLU B 484 -17.84 -4.73 35.95
CA GLU B 484 -17.05 -5.95 36.17
C GLU B 484 -15.64 -5.80 35.60
N ASP B 485 -15.50 -5.16 34.44
CA ASP B 485 -14.17 -4.98 33.86
C ASP B 485 -13.29 -4.08 34.72
N ILE B 486 -13.85 -2.99 35.25
CA ILE B 486 -13.04 -2.15 36.14
C ILE B 486 -12.71 -2.89 37.42
N LYS B 487 -13.63 -3.70 37.93
CA LYS B 487 -13.34 -4.52 39.11
C LYS B 487 -12.15 -5.43 38.85
N LYS B 488 -12.13 -6.09 37.69
CA LYS B 488 -11.03 -6.99 37.36
C LYS B 488 -9.74 -6.22 37.09
N MET B 489 -9.85 -4.99 36.62
CA MET B 489 -8.65 -4.20 36.32
C MET B 489 -8.04 -3.56 37.56
N MET B 490 -8.84 -3.34 38.60
CA MET B 490 -8.36 -2.62 39.78
C MET B 490 -7.59 -3.53 40.73
N GLU B 491 -8.17 -4.67 41.09
CA GLU B 491 -7.62 -5.54 42.11
C GLU B 491 -6.58 -6.48 41.51
N VAL B 492 -5.40 -5.92 41.26
CA VAL B 492 -4.28 -6.68 40.73
C VAL B 492 -2.97 -6.23 41.37
FE5 FS2 C . 5.05 -14.65 -15.19
FE6 FS2 C . 4.10 -14.42 -12.66
FE7 FS2 C . 6.77 -11.49 -14.95
FE8 FS2 C . 3.34 -11.99 -14.44
S5 FS2 C . 6.07 -15.15 -13.21
S6 FS2 C . 2.84 -14.37 -14.53
O8 FS2 C . 4.41 -12.38 -12.46
O9 FS2 C . 4.78 -10.75 -14.79
O1 FS2 C . 5.19 -12.98 -15.22
FE5 FS2 D . -11.44 9.69 14.99
FE6 FS2 D . -11.92 9.06 12.39
FE7 FS2 D . -7.87 10.15 14.79
FE8 FS2 D . -9.63 7.31 13.63
S5 FS2 D . -11.79 11.07 13.21
S6 FS2 D . -12.00 7.62 14.11
O8 FS2 D . -9.95 8.69 11.85
O9 FS2 D . -7.95 8.24 13.84
O1 FS2 D . -9.84 9.22 14.79
#